data_7EVP
#
_entry.id   7EVP
#
_cell.length_a   1.00
_cell.length_b   1.00
_cell.length_c   1.00
_cell.angle_alpha   90.00
_cell.angle_beta   90.00
_cell.angle_gamma   90.00
#
_symmetry.space_group_name_H-M   'P 1'
#
loop_
_entity.id
_entity.type
_entity.pdbx_description
1 polymer 'Beta sliding clamp'
2 polymer 'Sliding clamp inhibitor'
#
loop_
_entity_poly.entity_id
_entity_poly.type
_entity_poly.pdbx_seq_one_letter_code
_entity_poly.pdbx_strand_id
1 'polypeptide(L)'
;MMEFTIKRDYFITQLNDTLKAISPRTTLPILTGIKIDAKEHEVILTGSDSEISIEITIPKTVDGEDIVNISETGSVVLPG
RFFVDIIKKLPGKDVKLSTNEQFQTLITSGHSEFNLSGLDPDQYPLLPQVSRDDAIQLSVKVLKNVIAQTNFAVSTSETR
PVLTGVNWLIQENELICTATDSHRLAVRKLQLEDVSENKNVIIPGKALAELNKIMSDNEEDIDIFFASNQVLFKVGNVNF
ISRLLEGHYPDTTRLFPENYEIKLSIDNGEFYHAIDRASLLAREGGNNVIKLSTGDDVVELSSTSPEIGTVKEEVDANDV
EGGSLKISFNSKYMMDALKAIDNDEVEVEFFGTMKPFILKPKGDDSVTQLILPIRTY
;
A,B
2 'polypeptide(L)' MLFFKEKFYNELSYYRGGHKDLESMFELALEYIEKLEEEDEQQVTDYENAMEEELRDAVDVIESQLEIIKDIVR C,D
#
# COMPACT_ATOMS: atom_id res chain seq x y z
N MET A 1 -39.64 2.12 -4.91
CA MET A 1 -39.18 3.44 -4.51
C MET A 1 -38.68 3.45 -3.07
N MET A 2 -37.52 2.83 -2.85
CA MET A 2 -36.85 2.86 -1.56
C MET A 2 -36.44 4.29 -1.22
N GLU A 3 -36.53 4.66 0.06
CA GLU A 3 -36.09 5.97 0.50
C GLU A 3 -35.77 5.91 1.99
N PHE A 4 -34.50 6.02 2.33
CA PHE A 4 -34.08 6.02 3.73
C PHE A 4 -32.87 6.93 3.89
N THR A 5 -32.64 7.36 5.11
CA THR A 5 -31.57 8.33 5.42
C THR A 5 -30.69 7.82 6.56
N ILE A 6 -29.70 7.02 6.21
CA ILE A 6 -28.86 6.33 7.19
C ILE A 6 -27.66 7.21 7.54
N LYS A 7 -27.22 7.12 8.79
CA LYS A 7 -25.98 7.76 9.21
C LYS A 7 -24.81 7.15 8.46
N ARG A 8 -23.94 8.01 7.93
CA ARG A 8 -22.88 7.55 7.03
C ARG A 8 -21.77 6.84 7.79
N ASP A 9 -21.45 7.31 9.00
CA ASP A 9 -20.34 6.74 9.76
C ASP A 9 -20.61 5.32 10.24
N TYR A 10 -21.87 4.91 10.27
CA TYR A 10 -22.24 3.53 10.55
C TYR A 10 -22.53 2.75 9.28
N PHE A 11 -23.03 3.41 8.24
CA PHE A 11 -23.32 2.73 6.99
C PHE A 11 -22.06 2.36 6.23
N ILE A 12 -20.97 3.11 6.43
CA ILE A 12 -19.69 2.68 5.85
C ILE A 12 -19.18 1.44 6.54
N THR A 13 -19.20 1.40 7.87
CA THR A 13 -18.65 0.25 8.55
C THR A 13 -19.57 -0.95 8.54
N GLN A 14 -20.83 -0.80 8.14
CA GLN A 14 -21.68 -1.96 7.87
C GLN A 14 -21.83 -2.25 6.39
N LEU A 15 -21.27 -1.41 5.53
CA LEU A 15 -21.26 -1.66 4.10
C LEU A 15 -19.93 -2.18 3.61
N ASN A 16 -18.86 -1.89 4.34
CA ASN A 16 -17.55 -2.43 4.04
C ASN A 16 -17.41 -3.85 4.52
N ASP A 17 -18.38 -4.35 5.30
CA ASP A 17 -18.43 -5.77 5.62
C ASP A 17 -19.10 -6.55 4.50
N THR A 18 -20.26 -6.07 4.03
CA THR A 18 -20.96 -6.72 2.93
C THR A 18 -20.33 -6.43 1.57
N LEU A 19 -19.27 -5.63 1.53
CA LEU A 19 -18.47 -5.52 0.32
C LEU A 19 -17.55 -6.72 0.16
N LYS A 20 -17.18 -7.35 1.28
CA LYS A 20 -16.18 -8.41 1.26
C LYS A 20 -16.70 -9.69 0.62
N ALA A 21 -18.01 -9.85 0.48
CA ALA A 21 -18.56 -10.96 -0.26
C ALA A 21 -18.81 -10.64 -1.72
N ILE A 22 -18.66 -9.39 -2.13
CA ILE A 22 -18.81 -8.98 -3.52
C ILE A 22 -17.48 -9.21 -4.21
N SER A 23 -17.40 -10.26 -5.01
CA SER A 23 -16.16 -10.46 -5.73
C SER A 23 -16.35 -10.05 -7.18
N PRO A 24 -15.44 -9.24 -7.76
CA PRO A 24 -15.60 -8.76 -9.14
C PRO A 24 -15.10 -9.75 -10.19
N ARG A 25 -15.44 -11.02 -10.00
CA ARG A 25 -15.08 -12.07 -10.95
C ARG A 25 -16.26 -12.98 -11.24
N THR A 26 -17.43 -12.67 -10.71
CA THR A 26 -18.59 -13.53 -10.85
C THR A 26 -19.17 -13.40 -12.25
N THR A 27 -19.56 -14.53 -12.84
CA THR A 27 -20.08 -14.53 -14.19
C THR A 27 -21.46 -13.91 -14.30
N LEU A 28 -22.17 -13.74 -13.17
CA LEU A 28 -23.44 -13.03 -13.33
C LEU A 28 -23.23 -11.53 -13.15
N PRO A 29 -23.93 -10.69 -13.92
CA PRO A 29 -23.81 -9.24 -13.73
C PRO A 29 -24.56 -8.71 -12.53
N ILE A 30 -25.37 -9.54 -11.86
CA ILE A 30 -26.14 -9.09 -10.70
C ILE A 30 -25.40 -9.38 -9.39
N LEU A 31 -24.54 -10.40 -9.35
CA LEU A 31 -23.84 -10.76 -8.13
C LEU A 31 -22.60 -9.93 -7.88
N THR A 32 -22.29 -8.97 -8.75
CA THR A 32 -21.24 -8.00 -8.48
C THR A 32 -21.79 -6.74 -7.83
N GLY A 33 -23.01 -6.82 -7.28
CA GLY A 33 -23.64 -5.65 -6.72
C GLY A 33 -24.23 -5.92 -5.35
N ILE A 34 -24.39 -4.83 -4.59
CA ILE A 34 -24.92 -4.87 -3.24
C ILE A 34 -26.42 -4.67 -3.31
N LYS A 35 -27.19 -5.59 -2.75
CA LYS A 35 -28.63 -5.44 -2.67
C LYS A 35 -28.98 -4.75 -1.36
N ILE A 36 -29.46 -3.52 -1.45
CA ILE A 36 -29.94 -2.79 -0.29
C ILE A 36 -31.44 -2.92 -0.26
N ASP A 37 -31.99 -3.30 0.88
CA ASP A 37 -33.42 -3.53 1.03
C ASP A 37 -33.86 -2.89 2.33
N ALA A 38 -34.55 -1.78 2.25
CA ALA A 38 -35.08 -1.10 3.43
C ALA A 38 -36.49 -1.60 3.69
N LYS A 39 -36.67 -2.33 4.78
CA LYS A 39 -37.99 -2.71 5.24
C LYS A 39 -38.50 -1.66 6.22
N GLU A 40 -39.58 -1.97 6.93
CA GLU A 40 -40.25 -0.97 7.75
C GLU A 40 -39.44 -0.58 8.99
N HIS A 41 -38.51 -1.43 9.43
CA HIS A 41 -37.74 -1.12 10.61
C HIS A 41 -36.26 -1.44 10.49
N GLU A 42 -35.80 -1.95 9.35
CA GLU A 42 -34.40 -2.34 9.22
C GLU A 42 -34.00 -2.31 7.76
N VAL A 43 -32.68 -2.23 7.54
CA VAL A 43 -32.09 -2.21 6.21
C VAL A 43 -31.10 -3.35 6.13
N ILE A 44 -31.30 -4.27 5.19
CA ILE A 44 -30.42 -5.41 5.01
C ILE A 44 -29.59 -5.19 3.75
N LEU A 45 -28.35 -5.66 3.78
CA LEU A 45 -27.40 -5.41 2.70
C LEU A 45 -26.88 -6.74 2.19
N THR A 46 -27.66 -7.39 1.35
CA THR A 46 -27.32 -8.74 0.90
C THR A 46 -26.24 -8.65 -0.18
N GLY A 47 -25.01 -8.99 0.18
CA GLY A 47 -23.96 -9.06 -0.81
C GLY A 47 -23.47 -10.48 -0.96
N SER A 48 -23.41 -10.99 -2.20
CA SER A 48 -23.11 -12.40 -2.43
C SER A 48 -22.17 -12.55 -3.60
N ASP A 49 -21.59 -13.75 -3.72
CA ASP A 49 -20.91 -14.15 -4.94
C ASP A 49 -21.12 -15.62 -5.25
N SER A 50 -22.29 -16.17 -4.86
CA SER A 50 -22.74 -17.56 -5.02
C SER A 50 -21.87 -18.57 -4.28
N GLU A 51 -20.91 -18.11 -3.49
CA GLU A 51 -20.13 -18.95 -2.59
C GLU A 51 -20.32 -18.53 -1.14
N ILE A 52 -20.10 -17.26 -0.83
CA ILE A 52 -20.43 -16.70 0.48
C ILE A 52 -21.44 -15.60 0.26
N SER A 53 -22.17 -15.25 1.33
CA SER A 53 -23.18 -14.22 1.21
C SER A 53 -23.44 -13.62 2.58
N ILE A 54 -23.41 -12.30 2.65
CA ILE A 54 -23.49 -11.56 3.90
C ILE A 54 -24.77 -10.76 3.90
N GLU A 55 -25.59 -10.93 4.94
CA GLU A 55 -26.82 -10.16 5.13
C GLU A 55 -26.72 -9.39 6.43
N ILE A 56 -26.69 -8.07 6.36
CA ILE A 56 -26.43 -7.25 7.53
C ILE A 56 -27.67 -6.43 7.81
N THR A 57 -28.44 -6.83 8.82
CA THR A 57 -29.62 -6.06 9.21
C THR A 57 -29.17 -4.84 9.98
N ILE A 58 -29.41 -3.65 9.44
CA ILE A 58 -29.13 -2.40 10.12
C ILE A 58 -30.45 -1.90 10.70
N PRO A 59 -30.66 -1.98 12.01
CA PRO A 59 -31.93 -1.58 12.58
C PRO A 59 -32.05 -0.07 12.67
N LYS A 60 -33.22 0.41 13.11
CA LYS A 60 -33.45 1.84 13.23
C LYS A 60 -32.69 2.45 14.39
N THR A 61 -32.23 1.65 15.35
CA THR A 61 -31.42 2.17 16.44
C THR A 61 -30.33 1.16 16.80
N VAL A 62 -29.14 1.69 17.06
CA VAL A 62 -27.99 0.89 17.46
C VAL A 62 -27.42 1.54 18.71
N ASP A 63 -27.53 0.84 19.85
CA ASP A 63 -27.06 1.30 21.16
C ASP A 63 -27.68 2.63 21.56
N GLY A 64 -28.96 2.81 21.27
CA GLY A 64 -29.73 3.96 21.69
C GLY A 64 -29.86 5.05 20.65
N GLU A 65 -28.80 5.35 19.91
CA GLU A 65 -28.84 6.43 18.92
C GLU A 65 -29.58 5.98 17.68
N ASP A 66 -30.19 6.94 16.99
CA ASP A 66 -30.92 6.64 15.78
C ASP A 66 -29.97 6.52 14.61
N ILE A 67 -30.24 5.56 13.72
CA ILE A 67 -29.40 5.30 12.56
C ILE A 67 -30.17 5.51 11.27
N VAL A 68 -31.23 4.76 11.05
CA VAL A 68 -31.97 4.80 9.79
C VAL A 68 -33.33 5.41 10.07
N ASN A 69 -33.84 6.18 9.11
CA ASN A 69 -35.22 6.66 9.11
C ASN A 69 -35.79 6.33 7.73
N ILE A 70 -36.43 5.17 7.62
CA ILE A 70 -36.94 4.72 6.33
C ILE A 70 -38.18 5.53 6.00
N SER A 71 -38.13 6.30 4.91
CA SER A 71 -39.30 7.05 4.48
C SER A 71 -40.22 6.21 3.60
N GLU A 72 -39.67 5.30 2.80
CA GLU A 72 -40.48 4.40 2.00
C GLU A 72 -39.70 3.12 1.79
N THR A 73 -40.40 1.98 1.90
CA THR A 73 -39.76 0.68 1.81
C THR A 73 -39.59 0.26 0.35
N GLY A 74 -38.62 -0.61 0.12
CA GLY A 74 -38.29 -1.05 -1.21
C GLY A 74 -36.87 -1.60 -1.23
N SER A 75 -36.40 -1.89 -2.44
CA SER A 75 -35.08 -2.49 -2.58
C SER A 75 -34.49 -2.17 -3.95
N VAL A 76 -33.16 -2.21 -4.01
CA VAL A 76 -32.42 -1.92 -5.23
C VAL A 76 -31.09 -2.64 -5.14
N VAL A 77 -30.47 -2.91 -6.28
CA VAL A 77 -29.17 -3.56 -6.35
C VAL A 77 -28.21 -2.57 -7.01
N LEU A 78 -27.50 -1.83 -6.18
CA LEU A 78 -26.50 -0.89 -6.65
C LEU A 78 -25.24 -1.66 -7.03
N PRO A 79 -24.36 -1.08 -7.86
CA PRO A 79 -23.07 -1.74 -8.13
C PRO A 79 -22.20 -1.84 -6.89
N GLY A 80 -21.32 -2.83 -6.88
CA GLY A 80 -20.74 -3.28 -5.63
C GLY A 80 -19.63 -2.43 -5.05
N ARG A 81 -18.49 -2.38 -5.74
CA ARG A 81 -17.35 -1.64 -5.21
C ARG A 81 -17.55 -0.14 -5.36
N PHE A 82 -18.23 0.27 -6.43
CA PHE A 82 -18.35 1.70 -6.72
C PHE A 82 -19.26 2.39 -5.72
N PHE A 83 -20.31 1.72 -5.24
CA PHE A 83 -21.20 2.37 -4.28
C PHE A 83 -20.53 2.55 -2.93
N VAL A 84 -19.68 1.60 -2.52
CA VAL A 84 -18.92 1.80 -1.29
C VAL A 84 -17.89 2.91 -1.50
N ASP A 85 -17.35 3.02 -2.72
CA ASP A 85 -16.44 4.11 -3.03
C ASP A 85 -17.16 5.46 -3.02
N ILE A 86 -18.46 5.48 -3.31
CA ILE A 86 -19.24 6.71 -3.18
C ILE A 86 -19.45 7.06 -1.72
N ILE A 87 -19.89 6.08 -0.92
CA ILE A 87 -20.26 6.36 0.47
C ILE A 87 -19.02 6.71 1.32
N LYS A 88 -17.84 6.21 0.94
CA LYS A 88 -16.65 6.59 1.68
C LYS A 88 -16.21 8.03 1.45
N LYS A 89 -16.72 8.69 0.40
CA LYS A 89 -16.25 10.01 0.04
C LYS A 89 -17.21 11.14 0.38
N LEU A 90 -18.44 10.83 0.78
CA LEU A 90 -19.46 11.85 0.95
C LEU A 90 -19.17 12.73 2.17
N PRO A 91 -19.52 14.02 2.14
CA PRO A 91 -19.10 14.93 3.22
C PRO A 91 -19.94 14.83 4.48
N GLY A 92 -21.24 14.62 4.35
CA GLY A 92 -22.12 14.69 5.48
C GLY A 92 -22.12 13.43 6.31
N LYS A 93 -22.83 13.49 7.43
CA LYS A 93 -23.06 12.32 8.27
C LYS A 93 -24.44 11.72 8.04
N ASP A 94 -25.14 12.14 7.00
CA ASP A 94 -26.40 11.54 6.58
C ASP A 94 -26.34 11.24 5.10
N VAL A 95 -26.72 10.03 4.74
CA VAL A 95 -26.77 9.59 3.35
C VAL A 95 -28.21 9.18 3.06
N LYS A 96 -28.87 9.92 2.18
CA LYS A 96 -30.28 9.69 1.89
C LYS A 96 -30.41 9.09 0.50
N LEU A 97 -30.55 7.77 0.43
CA LEU A 97 -30.84 7.15 -0.86
C LEU A 97 -32.33 7.29 -1.16
N SER A 98 -32.64 7.38 -2.46
CA SER A 98 -34.04 7.50 -2.88
C SER A 98 -34.15 6.91 -4.29
N THR A 99 -34.69 5.71 -4.36
CA THR A 99 -34.84 5.01 -5.63
C THR A 99 -36.12 5.48 -6.33
N ASN A 100 -36.09 5.51 -7.65
CA ASN A 100 -37.28 5.77 -8.45
C ASN A 100 -37.59 4.54 -9.30
N GLU A 101 -38.55 4.69 -10.21
CA GLU A 101 -38.75 3.69 -11.24
C GLU A 101 -37.53 3.65 -12.16
N GLN A 102 -37.29 2.46 -12.73
CA GLN A 102 -36.08 2.03 -13.43
C GLN A 102 -34.83 1.99 -12.54
N PHE A 103 -35.00 2.17 -11.23
CA PHE A 103 -34.00 1.92 -10.20
C PHE A 103 -32.75 2.78 -10.37
N GLN A 104 -32.96 4.08 -10.18
CA GLN A 104 -31.88 5.06 -10.14
C GLN A 104 -31.92 5.76 -8.79
N THR A 105 -30.86 5.63 -8.01
CA THR A 105 -30.85 6.06 -6.62
C THR A 105 -30.11 7.37 -6.46
N LEU A 106 -30.76 8.35 -5.85
CA LEU A 106 -30.22 9.69 -5.68
C LEU A 106 -29.53 9.77 -4.32
N ILE A 107 -28.22 9.53 -4.31
CA ILE A 107 -27.45 9.47 -3.06
C ILE A 107 -27.17 10.91 -2.65
N THR A 108 -28.04 11.48 -1.82
CA THR A 108 -27.89 12.86 -1.39
C THR A 108 -27.24 12.91 -0.02
N SER A 109 -26.11 13.61 0.09
CA SER A 109 -25.41 13.76 1.36
C SER A 109 -24.95 15.21 1.50
N GLY A 110 -25.76 16.02 2.16
CA GLY A 110 -25.44 17.43 2.29
C GLY A 110 -25.61 18.17 0.97
N HIS A 111 -24.50 18.55 0.36
CA HIS A 111 -24.51 19.21 -0.94
C HIS A 111 -24.37 18.25 -2.10
N SER A 112 -23.57 17.19 -1.93
CA SER A 112 -23.35 16.23 -2.99
C SER A 112 -24.62 15.46 -3.33
N GLU A 113 -24.76 15.11 -4.60
CA GLU A 113 -25.97 14.42 -5.05
C GLU A 113 -25.57 13.51 -6.22
N PHE A 114 -25.27 12.27 -5.90
CA PHE A 114 -25.03 11.28 -6.93
C PHE A 114 -26.35 10.79 -7.48
N ASN A 115 -26.29 10.05 -8.59
CA ASN A 115 -27.50 9.45 -9.14
C ASN A 115 -27.06 8.18 -9.86
N LEU A 116 -27.05 7.07 -9.14
CA LEU A 116 -26.52 5.83 -9.70
C LEU A 116 -27.57 5.17 -10.60
N SER A 117 -27.22 3.98 -11.08
CA SER A 117 -28.13 3.17 -11.90
C SER A 117 -28.14 1.77 -11.28
N GLY A 118 -29.02 1.58 -10.31
CA GLY A 118 -29.19 0.26 -9.74
C GLY A 118 -29.96 -0.67 -10.66
N LEU A 119 -29.85 -1.95 -10.40
CA LEU A 119 -30.52 -2.95 -11.21
C LEU A 119 -31.81 -3.39 -10.52
N ASP A 120 -32.54 -4.27 -11.18
CA ASP A 120 -33.80 -4.78 -10.65
C ASP A 120 -33.49 -5.79 -9.55
N PRO A 121 -33.99 -5.61 -8.33
CA PRO A 121 -33.73 -6.58 -7.26
C PRO A 121 -34.51 -7.88 -7.39
N ASP A 122 -35.48 -7.96 -8.29
CA ASP A 122 -36.25 -9.19 -8.45
C ASP A 122 -35.49 -10.26 -9.21
N GLN A 123 -34.42 -9.90 -9.91
CA GLN A 123 -33.57 -10.88 -10.56
C GLN A 123 -32.33 -11.21 -9.76
N TYR A 124 -32.17 -10.61 -8.59
CA TYR A 124 -31.10 -11.00 -7.68
C TYR A 124 -31.46 -12.36 -7.08
N PRO A 125 -30.52 -13.30 -7.01
CA PRO A 125 -30.88 -14.65 -6.55
C PRO A 125 -31.17 -14.69 -5.07
N LEU A 126 -31.99 -15.67 -4.70
CA LEU A 126 -32.45 -15.79 -3.32
C LEU A 126 -31.29 -16.21 -2.40
N LEU A 127 -31.40 -15.82 -1.14
CA LEU A 127 -30.41 -16.20 -0.16
C LEU A 127 -30.58 -17.68 0.20
N PRO A 128 -29.49 -18.43 0.34
CA PRO A 128 -29.61 -19.82 0.79
C PRO A 128 -30.10 -19.89 2.23
N GLN A 129 -31.20 -20.62 2.43
CA GLN A 129 -31.82 -20.75 3.73
C GLN A 129 -31.17 -21.88 4.51
N VAL A 130 -30.78 -21.61 5.75
CA VAL A 130 -30.09 -22.56 6.62
C VAL A 130 -30.99 -22.84 7.81
N SER A 131 -31.22 -24.12 8.09
CA SER A 131 -32.06 -24.53 9.21
C SER A 131 -31.38 -24.18 10.53
N ARG A 132 -32.19 -23.76 11.51
CA ARG A 132 -31.67 -23.21 12.75
C ARG A 132 -31.44 -24.26 13.83
N ASP A 133 -31.39 -25.53 13.46
CA ASP A 133 -30.85 -26.55 14.35
C ASP A 133 -29.34 -26.66 14.10
N ASP A 134 -28.70 -27.61 14.79
CA ASP A 134 -27.25 -27.83 14.80
C ASP A 134 -26.52 -26.55 15.21
N ALA A 135 -26.90 -26.03 16.37
CA ALA A 135 -26.38 -24.77 16.86
C ALA A 135 -25.09 -25.01 17.62
N ILE A 136 -24.05 -24.26 17.26
CA ILE A 136 -22.77 -24.26 17.96
C ILE A 136 -22.47 -22.81 18.30
N GLN A 137 -22.31 -22.51 19.58
CA GLN A 137 -22.15 -21.14 20.04
C GLN A 137 -20.70 -20.95 20.50
N LEU A 138 -19.91 -20.27 19.68
CA LEU A 138 -18.59 -19.84 20.06
C LEU A 138 -18.64 -18.40 20.55
N SER A 139 -17.51 -17.90 21.02
CA SER A 139 -17.39 -16.47 21.29
C SER A 139 -16.70 -15.80 20.11
N VAL A 140 -16.67 -14.46 20.14
CA VAL A 140 -15.95 -13.75 19.08
C VAL A 140 -14.46 -13.88 19.29
N LYS A 141 -13.99 -13.79 20.53
CA LYS A 141 -12.57 -13.93 20.81
C LYS A 141 -12.09 -15.34 20.53
N VAL A 142 -12.90 -16.35 20.88
CA VAL A 142 -12.51 -17.74 20.66
C VAL A 142 -12.51 -18.06 19.17
N LEU A 143 -13.51 -17.60 18.43
CA LEU A 143 -13.54 -17.92 17.00
C LEU A 143 -12.54 -17.12 16.20
N LYS A 144 -12.26 -15.86 16.58
CA LYS A 144 -11.15 -15.15 15.94
C LYS A 144 -9.81 -15.78 16.27
N ASN A 145 -9.67 -16.36 17.47
CA ASN A 145 -8.46 -17.10 17.80
C ASN A 145 -8.34 -18.37 16.97
N VAL A 146 -9.46 -19.08 16.75
CA VAL A 146 -9.43 -20.29 15.95
C VAL A 146 -9.13 -19.99 14.48
N ILE A 147 -9.73 -18.92 13.94
CA ILE A 147 -9.46 -18.54 12.56
C ILE A 147 -8.03 -18.00 12.40
N ALA A 148 -7.48 -17.37 13.43
CA ALA A 148 -6.10 -16.93 13.35
C ALA A 148 -5.12 -18.09 13.47
N GLN A 149 -5.45 -19.11 14.26
CA GLN A 149 -4.54 -20.23 14.47
C GLN A 149 -4.73 -21.35 13.47
N THR A 150 -5.74 -21.30 12.65
CA THR A 150 -5.95 -22.41 11.72
C THR A 150 -6.02 -21.95 10.26
N ASN A 151 -6.69 -20.84 9.98
CA ASN A 151 -6.87 -20.40 8.60
C ASN A 151 -5.69 -19.54 8.15
N PHE A 152 -4.53 -20.17 8.13
CA PHE A 152 -3.40 -19.69 7.35
C PHE A 152 -2.90 -20.86 6.53
N ALA A 153 -3.18 -22.06 7.05
CA ALA A 153 -2.65 -23.30 6.53
C ALA A 153 -3.58 -23.96 5.52
N VAL A 154 -4.41 -23.19 4.85
CA VAL A 154 -5.23 -23.76 3.79
C VAL A 154 -4.51 -23.68 2.46
N SER A 155 -4.90 -24.54 1.53
CA SER A 155 -4.27 -24.58 0.23
C SER A 155 -4.85 -23.50 -0.68
N THR A 156 -3.97 -22.88 -1.46
CA THR A 156 -4.40 -21.90 -2.44
C THR A 156 -4.48 -22.47 -3.85
N SER A 157 -4.35 -23.79 -3.98
CA SER A 157 -4.42 -24.47 -5.28
C SER A 157 -5.69 -25.30 -5.33
N GLU A 158 -6.49 -25.08 -6.36
CA GLU A 158 -7.77 -25.75 -6.51
C GLU A 158 -7.67 -27.07 -7.28
N THR A 159 -6.47 -27.63 -7.39
CA THR A 159 -6.33 -28.96 -7.97
C THR A 159 -6.88 -30.03 -7.03
N ARG A 160 -6.63 -29.86 -5.73
CA ARG A 160 -7.23 -30.68 -4.68
C ARG A 160 -8.15 -29.77 -3.89
N PRO A 161 -9.43 -29.66 -4.25
CA PRO A 161 -10.30 -28.67 -3.58
C PRO A 161 -10.94 -29.19 -2.31
N VAL A 162 -10.19 -29.92 -1.49
CA VAL A 162 -10.67 -30.33 -0.17
C VAL A 162 -9.68 -29.76 0.83
N LEU A 163 -8.43 -29.63 0.39
CA LEU A 163 -7.39 -29.03 1.20
C LEU A 163 -7.44 -27.51 1.21
N THR A 164 -8.32 -26.91 0.42
CA THR A 164 -8.54 -25.47 0.43
C THR A 164 -9.56 -25.04 1.46
N GLY A 165 -9.90 -25.90 2.41
CA GLY A 165 -10.88 -25.57 3.41
C GLY A 165 -10.47 -26.07 4.78
N VAL A 166 -11.00 -25.41 5.80
CA VAL A 166 -10.73 -25.78 7.19
C VAL A 166 -11.70 -26.86 7.60
N ASN A 167 -11.19 -28.01 8.00
CA ASN A 167 -12.03 -29.06 8.56
C ASN A 167 -12.45 -28.66 9.96
N TRP A 168 -13.74 -28.79 10.27
CA TRP A 168 -14.22 -28.71 11.64
C TRP A 168 -14.84 -30.06 11.99
N LEU A 169 -14.21 -30.79 12.89
CA LEU A 169 -14.65 -32.12 13.27
C LEU A 169 -15.21 -32.05 14.69
N ILE A 170 -16.52 -32.00 14.81
CA ILE A 170 -17.18 -32.00 16.11
C ILE A 170 -17.52 -33.44 16.46
N GLN A 171 -17.02 -33.90 17.61
CA GLN A 171 -17.43 -35.20 18.13
C GLN A 171 -17.30 -35.20 19.65
N GLU A 172 -18.45 -35.24 20.33
CA GLU A 172 -18.58 -35.30 21.79
C GLU A 172 -17.89 -34.10 22.44
N ASN A 173 -18.49 -32.93 22.18
CA ASN A 173 -18.20 -31.68 22.88
C ASN A 173 -16.77 -31.19 22.62
N GLU A 174 -16.17 -31.60 21.51
CA GLU A 174 -14.82 -31.21 21.15
C GLU A 174 -14.79 -30.75 19.70
N LEU A 175 -14.08 -29.66 19.44
CA LEU A 175 -13.97 -29.09 18.11
C LEU A 175 -12.51 -29.14 17.68
N ILE A 176 -12.26 -29.78 16.53
CA ILE A 176 -10.90 -30.06 16.07
C ILE A 176 -10.75 -29.38 14.71
N CYS A 177 -10.14 -28.21 14.69
CA CYS A 177 -10.04 -27.38 13.49
C CYS A 177 -8.68 -27.59 12.85
N THR A 178 -8.62 -28.40 11.80
CA THR A 178 -7.39 -28.66 11.09
C THR A 178 -7.37 -27.91 9.76
N ALA A 179 -6.18 -27.73 9.20
CA ALA A 179 -6.02 -27.09 7.91
C ALA A 179 -4.70 -27.54 7.31
N THR A 180 -4.74 -28.12 6.12
CA THR A 180 -3.57 -28.74 5.53
C THR A 180 -3.43 -28.27 4.10
N ASP A 181 -2.22 -27.96 3.68
CA ASP A 181 -1.93 -27.77 2.26
C ASP A 181 -0.85 -28.75 1.79
N SER A 182 -0.78 -29.91 2.45
CA SER A 182 0.20 -30.98 2.27
C SER A 182 1.64 -30.53 2.55
N HIS A 183 1.81 -29.35 3.15
CA HIS A 183 3.09 -28.88 3.67
C HIS A 183 3.01 -28.37 5.10
N ARG A 184 1.87 -27.85 5.53
CA ARG A 184 1.61 -27.40 6.88
C ARG A 184 0.47 -28.22 7.47
N LEU A 185 0.19 -27.93 8.74
CA LEU A 185 -0.92 -28.50 9.48
C LEU A 185 -1.08 -27.66 10.73
N ALA A 186 -2.32 -27.34 11.08
CA ALA A 186 -2.59 -26.50 12.24
C ALA A 186 -3.86 -27.01 12.91
N VAL A 187 -3.69 -27.81 13.96
CA VAL A 187 -4.81 -28.50 14.60
C VAL A 187 -5.12 -27.76 15.89
N ARG A 188 -6.25 -27.06 15.92
CA ARG A 188 -6.72 -26.38 17.13
C ARG A 188 -7.79 -27.23 17.80
N LYS A 189 -7.48 -27.75 18.97
CA LYS A 189 -8.48 -28.41 19.80
C LYS A 189 -9.28 -27.35 20.55
N LEU A 190 -10.56 -27.65 20.77
CA LEU A 190 -11.45 -26.70 21.41
C LEU A 190 -12.65 -27.45 21.97
N GLN A 191 -12.91 -27.31 23.26
CA GLN A 191 -14.07 -27.92 23.89
C GLN A 191 -15.20 -26.89 23.95
N LEU A 192 -16.40 -27.33 23.59
CA LEU A 192 -17.54 -26.44 23.53
C LEU A 192 -18.22 -26.40 24.91
N GLU A 193 -19.31 -25.65 25.02
CA GLU A 193 -20.04 -25.58 26.27
C GLU A 193 -21.33 -26.38 26.25
N ASP A 194 -21.73 -26.88 25.09
CA ASP A 194 -22.96 -27.66 24.96
C ASP A 194 -22.70 -29.01 24.31
N VAL A 195 -23.75 -29.73 23.96
CA VAL A 195 -23.62 -30.97 23.21
C VAL A 195 -23.99 -30.68 21.76
N SER A 196 -23.26 -31.30 20.84
CA SER A 196 -23.51 -31.13 19.41
C SER A 196 -23.36 -32.46 18.71
N GLU A 197 -23.98 -32.57 17.55
CA GLU A 197 -23.96 -33.80 16.78
C GLU A 197 -22.60 -33.97 16.11
N ASN A 198 -22.39 -35.17 15.58
CA ASN A 198 -21.11 -35.49 14.94
C ASN A 198 -21.07 -34.85 13.57
N LYS A 199 -20.36 -33.74 13.45
CA LYS A 199 -20.24 -33.01 12.20
C LYS A 199 -18.83 -33.16 11.65
N ASN A 200 -18.72 -33.32 10.34
CA ASN A 200 -17.43 -33.36 9.65
C ASN A 200 -17.59 -32.46 8.43
N VAL A 201 -17.32 -31.17 8.62
CA VAL A 201 -17.57 -30.16 7.61
C VAL A 201 -16.25 -29.56 7.17
N ILE A 202 -16.26 -28.95 5.99
CA ILE A 202 -15.07 -28.33 5.41
C ILE A 202 -15.45 -26.90 5.06
N ILE A 203 -15.16 -25.98 5.96
CA ILE A 203 -15.45 -24.56 5.72
C ILE A 203 -14.29 -23.96 4.94
N PRO A 204 -14.53 -23.24 3.85
CA PRO A 204 -13.44 -22.84 2.96
C PRO A 204 -12.49 -21.83 3.58
N GLY A 205 -11.33 -21.69 2.93
CA GLY A 205 -10.27 -20.86 3.44
C GLY A 205 -10.56 -19.38 3.29
N LYS A 206 -11.11 -18.99 2.15
CA LYS A 206 -11.50 -17.61 1.91
C LYS A 206 -12.92 -17.32 2.37
N ALA A 207 -13.55 -18.27 3.08
CA ALA A 207 -14.84 -18.05 3.71
C ALA A 207 -14.69 -17.88 5.21
N LEU A 208 -13.47 -17.89 5.72
CA LEU A 208 -13.20 -17.52 7.10
C LEU A 208 -12.19 -16.41 7.23
N ALA A 209 -11.34 -16.17 6.22
CA ALA A 209 -10.55 -14.96 6.19
C ALA A 209 -11.39 -13.74 5.91
N GLU A 210 -12.56 -13.92 5.29
CA GLU A 210 -13.52 -12.84 5.13
C GLU A 210 -14.52 -12.79 6.28
N LEU A 211 -14.44 -13.74 7.21
CA LEU A 211 -15.20 -13.66 8.46
C LEU A 211 -14.36 -13.09 9.59
N ASN A 212 -13.04 -13.32 9.56
CA ASN A 212 -12.14 -12.73 10.53
C ASN A 212 -12.09 -11.22 10.41
N LYS A 213 -12.44 -10.68 9.25
CA LYS A 213 -12.44 -9.23 9.05
C LYS A 213 -13.73 -8.59 9.55
N ILE A 214 -14.88 -9.25 9.33
CA ILE A 214 -16.16 -8.62 9.64
C ILE A 214 -16.58 -8.83 11.08
N MET A 215 -15.77 -9.47 11.91
CA MET A 215 -16.06 -9.61 13.32
C MET A 215 -15.21 -8.63 14.11
N SER A 216 -15.84 -7.63 14.69
CA SER A 216 -15.15 -6.78 15.64
C SER A 216 -15.03 -7.52 16.97
N ASP A 217 -13.89 -7.35 17.63
CA ASP A 217 -13.55 -8.11 18.83
C ASP A 217 -14.46 -7.66 19.97
N ASN A 218 -15.51 -8.43 20.22
CA ASN A 218 -16.48 -8.09 21.25
C ASN A 218 -16.72 -9.27 22.17
N GLU A 219 -17.72 -9.17 23.04
CA GLU A 219 -18.09 -10.25 23.93
C GLU A 219 -19.34 -10.98 23.46
N GLU A 220 -19.80 -10.71 22.25
CA GLU A 220 -20.97 -11.36 21.70
C GLU A 220 -20.61 -12.74 21.18
N ASP A 221 -21.59 -13.44 20.60
CA ASP A 221 -21.43 -14.85 20.26
C ASP A 221 -21.84 -15.09 18.81
N ILE A 222 -21.18 -16.06 18.17
CA ILE A 222 -21.50 -16.47 16.82
C ILE A 222 -22.26 -17.78 16.92
N ASP A 223 -23.58 -17.72 16.76
CA ASP A 223 -24.37 -18.93 16.71
C ASP A 223 -24.17 -19.56 15.34
N ILE A 224 -23.40 -20.64 15.28
CA ILE A 224 -23.05 -21.28 14.03
C ILE A 224 -24.05 -22.39 13.73
N PHE A 225 -24.74 -22.27 12.61
CA PHE A 225 -25.77 -23.22 12.21
C PHE A 225 -25.30 -23.95 10.96
N PHE A 226 -25.19 -25.26 11.04
CA PHE A 226 -24.73 -26.06 9.91
C PHE A 226 -25.90 -26.65 9.15
N ALA A 227 -25.73 -26.75 7.83
CA ALA A 227 -26.70 -27.44 6.98
C ALA A 227 -25.95 -28.49 6.15
N SER A 228 -26.63 -29.05 5.16
CA SER A 228 -25.98 -30.07 4.33
C SER A 228 -24.96 -29.45 3.37
N ASN A 229 -25.13 -28.17 3.03
CA ASN A 229 -24.24 -27.54 2.08
C ASN A 229 -23.83 -26.13 2.50
N GLN A 230 -24.52 -25.52 3.45
CA GLN A 230 -24.24 -24.15 3.85
C GLN A 230 -24.05 -24.07 5.35
N VAL A 231 -23.42 -22.99 5.81
CA VAL A 231 -23.19 -22.76 7.22
C VAL A 231 -23.43 -21.28 7.53
N LEU A 232 -24.22 -21.02 8.57
CA LEU A 232 -24.64 -19.67 8.94
C LEU A 232 -23.83 -19.20 10.14
N PHE A 233 -23.01 -18.18 9.94
CA PHE A 233 -22.25 -17.58 11.03
C PHE A 233 -23.03 -16.35 11.51
N LYS A 234 -24.04 -16.59 12.35
CA LYS A 234 -24.92 -15.50 12.78
C LYS A 234 -24.22 -14.71 13.89
N VAL A 235 -23.36 -13.79 13.45
CA VAL A 235 -22.80 -12.81 14.37
C VAL A 235 -23.89 -11.77 14.68
N GLY A 236 -23.66 -10.97 15.73
CA GLY A 236 -24.58 -9.89 16.08
C GLY A 236 -24.89 -8.89 14.99
N ASN A 237 -26.14 -8.89 14.53
CA ASN A 237 -26.68 -8.05 13.44
C ASN A 237 -25.99 -8.26 12.10
N VAL A 238 -25.35 -9.41 11.90
CA VAL A 238 -24.77 -9.75 10.60
C VAL A 238 -24.74 -11.26 10.41
N ASN A 239 -25.39 -11.72 9.35
CA ASN A 239 -25.30 -13.13 9.01
C ASN A 239 -24.11 -13.36 8.11
N PHE A 240 -23.75 -14.63 7.95
CA PHE A 240 -22.65 -14.99 7.05
C PHE A 240 -22.91 -16.42 6.58
N ILE A 241 -23.55 -16.55 5.43
CA ILE A 241 -23.71 -17.86 4.81
C ILE A 241 -22.44 -18.15 4.02
N SER A 242 -21.91 -19.36 4.17
CA SER A 242 -20.82 -19.78 3.30
C SER A 242 -21.02 -21.24 2.96
N ARG A 243 -20.53 -21.63 1.78
CA ARG A 243 -20.80 -22.94 1.23
C ARG A 243 -19.79 -23.95 1.77
N LEU A 244 -20.28 -25.03 2.36
CA LEU A 244 -19.39 -26.11 2.78
C LEU A 244 -18.85 -26.84 1.57
N LEU A 245 -17.57 -27.18 1.61
CA LEU A 245 -16.97 -27.94 0.53
C LEU A 245 -17.37 -29.40 0.61
N GLU A 246 -17.40 -30.05 -0.54
CA GLU A 246 -17.78 -31.45 -0.60
C GLU A 246 -16.54 -32.33 -0.51
N GLY A 247 -16.76 -33.63 -0.48
CA GLY A 247 -15.68 -34.58 -0.39
C GLY A 247 -15.28 -34.86 1.05
N HIS A 248 -14.51 -35.93 1.22
CA HIS A 248 -14.03 -36.34 2.54
C HIS A 248 -12.68 -35.71 2.79
N TYR A 249 -12.53 -35.10 3.97
CA TYR A 249 -11.26 -34.48 4.33
C TYR A 249 -10.26 -35.58 4.70
N PRO A 250 -9.02 -35.50 4.20
CA PRO A 250 -8.07 -36.59 4.43
C PRO A 250 -7.59 -36.65 5.86
N ASP A 251 -7.32 -37.87 6.32
CA ASP A 251 -6.98 -38.11 7.72
C ASP A 251 -5.58 -37.59 8.00
N THR A 252 -5.47 -36.59 8.88
CA THR A 252 -4.21 -35.98 9.24
C THR A 252 -3.70 -36.44 10.59
N THR A 253 -4.28 -37.49 11.14
CA THR A 253 -3.78 -38.05 12.39
C THR A 253 -2.58 -38.97 12.17
N ARG A 254 -2.32 -39.38 10.94
CA ARG A 254 -1.14 -40.17 10.62
C ARG A 254 0.10 -39.30 10.48
N LEU A 255 -0.06 -37.98 10.42
CA LEU A 255 1.05 -37.04 10.33
C LEU A 255 1.57 -36.60 11.69
N PHE A 256 1.21 -37.31 12.76
CA PHE A 256 1.68 -37.00 14.10
C PHE A 256 2.56 -38.13 14.62
N PRO A 257 3.87 -38.10 14.35
CA PRO A 257 4.75 -39.12 14.92
C PRO A 257 5.19 -38.71 16.33
N GLU A 258 5.86 -39.65 17.00
CA GLU A 258 6.23 -39.46 18.39
C GLU A 258 7.73 -39.62 18.56
N ASN A 259 8.19 -39.66 19.82
CA ASN A 259 9.59 -39.82 20.21
C ASN A 259 10.47 -38.70 19.62
N TYR A 260 10.24 -37.51 20.18
CA TYR A 260 11.00 -36.34 19.78
C TYR A 260 12.49 -36.52 20.06
N GLU A 261 13.32 -36.06 19.12
CA GLU A 261 14.75 -36.10 19.33
C GLU A 261 15.22 -34.90 20.14
N ILE A 262 14.96 -33.69 19.64
CA ILE A 262 15.30 -32.47 20.35
C ILE A 262 14.03 -31.67 20.58
N LYS A 263 14.05 -30.84 21.63
CA LYS A 263 12.88 -30.07 22.04
C LYS A 263 13.34 -28.70 22.49
N LEU A 264 13.12 -27.69 21.66
CA LEU A 264 13.46 -26.33 22.00
C LEU A 264 12.36 -25.71 22.86
N SER A 265 12.72 -24.62 23.53
CA SER A 265 11.74 -23.75 24.19
C SER A 265 12.19 -22.33 23.87
N ILE A 266 11.76 -21.84 22.72
CA ILE A 266 12.35 -20.64 22.14
C ILE A 266 11.32 -19.52 22.20
N ASP A 267 11.81 -18.28 22.20
CA ASP A 267 10.97 -17.09 22.22
C ASP A 267 10.19 -16.99 20.91
N ASN A 268 9.09 -16.24 20.94
CA ASN A 268 8.29 -16.09 19.74
C ASN A 268 8.72 -14.86 18.94
N GLY A 269 8.97 -13.73 19.61
CA GLY A 269 9.41 -12.55 18.90
C GLY A 269 10.80 -12.67 18.32
N GLU A 270 11.74 -13.22 19.09
CA GLU A 270 13.10 -13.41 18.61
C GLU A 270 13.15 -14.39 17.46
N PHE A 271 12.54 -15.56 17.62
CA PHE A 271 12.55 -16.57 16.57
C PHE A 271 11.56 -16.27 15.46
N TYR A 272 10.74 -15.23 15.60
CA TYR A 272 9.95 -14.79 14.45
C TYR A 272 10.71 -13.75 13.62
N HIS A 273 11.28 -12.74 14.27
CA HIS A 273 12.05 -11.76 13.53
C HIS A 273 13.36 -12.34 13.02
N ALA A 274 13.86 -13.41 13.61
CA ALA A 274 15.06 -14.03 13.07
C ALA A 274 14.78 -14.82 11.82
N ILE A 275 13.58 -15.39 11.68
CA ILE A 275 13.19 -15.96 10.39
C ILE A 275 12.92 -14.83 9.41
N ASP A 276 12.40 -13.70 9.89
CA ASP A 276 12.17 -12.56 9.03
C ASP A 276 13.47 -11.99 8.47
N ARG A 277 14.54 -12.06 9.25
CA ARG A 277 15.84 -11.59 8.79
C ARG A 277 16.55 -12.64 7.94
N ALA A 278 16.50 -13.91 8.36
CA ALA A 278 17.30 -14.94 7.70
C ALA A 278 16.77 -15.34 6.34
N SER A 279 15.53 -14.97 6.03
CA SER A 279 14.96 -15.27 4.72
C SER A 279 15.10 -14.12 3.74
N LEU A 280 15.81 -13.05 4.11
CA LEU A 280 15.95 -11.91 3.21
C LEU A 280 16.83 -12.26 2.03
N LEU A 281 17.90 -13.03 2.25
CA LEU A 281 18.75 -13.47 1.16
C LEU A 281 18.02 -14.45 0.26
N ALA A 282 17.52 -15.52 0.83
CA ALA A 282 16.73 -16.49 0.09
C ALA A 282 15.26 -16.13 0.16
N ARG A 283 14.92 -14.94 -0.35
CA ARG A 283 13.61 -14.75 -0.95
C ARG A 283 13.70 -13.90 -2.21
N GLU A 284 14.82 -13.23 -2.46
CA GLU A 284 15.01 -12.56 -3.74
C GLU A 284 15.32 -13.54 -4.85
N GLY A 285 15.80 -14.74 -4.53
CA GLY A 285 15.86 -15.78 -5.52
C GLY A 285 14.52 -16.34 -5.94
N GLY A 286 13.49 -16.10 -5.13
CA GLY A 286 12.16 -16.58 -5.42
C GLY A 286 11.73 -17.63 -4.44
N ASN A 287 12.62 -18.55 -4.12
CA ASN A 287 12.35 -19.55 -3.10
C ASN A 287 12.65 -18.99 -1.73
N ASN A 288 12.15 -19.66 -0.70
CA ASN A 288 12.40 -19.25 0.68
C ASN A 288 12.66 -20.48 1.55
N VAL A 289 13.92 -20.89 1.64
CA VAL A 289 14.32 -22.07 2.40
C VAL A 289 15.46 -21.66 3.32
N ILE A 290 15.29 -21.88 4.61
CA ILE A 290 16.27 -21.54 5.63
C ILE A 290 16.78 -22.82 6.27
N LYS A 291 18.10 -22.99 6.29
CA LYS A 291 18.68 -24.06 7.07
C LYS A 291 18.74 -23.67 8.54
N LEU A 292 18.30 -24.58 9.41
CA LEU A 292 18.43 -24.40 10.84
C LEU A 292 19.54 -25.33 11.35
N SER A 293 20.16 -24.95 12.46
CA SER A 293 21.18 -25.80 13.07
C SER A 293 21.11 -25.61 14.58
N THR A 294 20.55 -26.60 15.26
CA THR A 294 20.39 -26.54 16.70
C THR A 294 21.74 -26.80 17.38
N GLY A 295 22.07 -25.96 18.36
CA GLY A 295 23.23 -26.21 19.19
C GLY A 295 22.89 -26.09 20.66
N ASP A 296 23.91 -26.03 21.51
CA ASP A 296 23.70 -25.85 22.94
C ASP A 296 23.26 -24.41 23.20
N ASP A 297 21.98 -24.24 23.55
CA ASP A 297 21.33 -22.96 23.90
C ASP A 297 21.32 -21.98 22.71
N VAL A 298 21.60 -22.44 21.50
CA VAL A 298 21.58 -21.59 20.31
C VAL A 298 20.77 -22.28 19.23
N VAL A 299 20.25 -21.47 18.31
CA VAL A 299 19.55 -21.94 17.12
C VAL A 299 20.14 -21.15 15.95
N GLU A 300 21.02 -21.80 15.18
CA GLU A 300 21.83 -21.09 14.19
C GLU A 300 21.10 -21.05 12.86
N LEU A 301 20.20 -20.08 12.74
CA LEU A 301 19.40 -19.92 11.52
C LEU A 301 20.27 -19.43 10.39
N SER A 302 20.60 -20.31 9.46
CA SER A 302 21.53 -19.99 8.39
C SER A 302 20.79 -19.94 7.07
N SER A 303 21.40 -19.26 6.10
CA SER A 303 20.98 -19.31 4.71
C SER A 303 22.17 -18.87 3.88
N THR A 304 22.07 -19.10 2.57
CA THR A 304 23.13 -18.69 1.65
C THR A 304 22.53 -18.51 0.27
N SER A 305 23.29 -17.82 -0.58
CA SER A 305 22.89 -17.59 -1.96
C SER A 305 24.13 -17.23 -2.75
N PRO A 306 24.22 -17.64 -4.01
CA PRO A 306 25.28 -17.11 -4.87
C PRO A 306 25.04 -15.63 -5.15
N GLU A 307 26.15 -14.89 -5.25
CA GLU A 307 26.26 -13.48 -5.64
C GLU A 307 25.75 -12.52 -4.55
N ILE A 308 25.12 -13.03 -3.50
CA ILE A 308 24.65 -12.20 -2.40
C ILE A 308 25.42 -12.49 -1.12
N GLY A 309 25.37 -13.71 -0.62
CA GLY A 309 26.30 -14.07 0.43
C GLY A 309 25.65 -15.01 1.45
N THR A 310 25.81 -14.65 2.73
CA THR A 310 25.55 -15.56 3.84
C THR A 310 24.94 -14.80 5.00
N VAL A 311 23.94 -15.39 5.64
CA VAL A 311 23.33 -14.86 6.86
C VAL A 311 23.35 -15.95 7.92
N LYS A 312 23.67 -15.59 9.17
CA LYS A 312 23.75 -16.57 10.24
C LYS A 312 23.33 -15.91 11.55
N GLU A 313 22.11 -16.17 11.99
CA GLU A 313 21.63 -15.68 13.27
C GLU A 313 22.01 -16.62 14.40
N GLU A 314 21.58 -16.26 15.60
CA GLU A 314 21.87 -17.05 16.80
C GLU A 314 20.79 -16.70 17.81
N VAL A 315 19.78 -17.55 17.93
CA VAL A 315 18.62 -17.27 18.78
C VAL A 315 18.75 -18.08 20.04
N ASP A 316 18.47 -17.45 21.18
CA ASP A 316 18.59 -18.11 22.47
C ASP A 316 17.39 -19.03 22.69
N ALA A 317 17.63 -20.34 22.66
CA ALA A 317 16.63 -21.33 23.01
C ALA A 317 16.76 -21.65 24.49
N ASN A 318 15.70 -21.37 25.26
CA ASN A 318 15.80 -21.39 26.71
C ASN A 318 15.94 -22.79 27.29
N ASP A 319 15.48 -23.82 26.58
CA ASP A 319 15.59 -25.18 27.09
C ASP A 319 15.65 -26.11 25.89
N VAL A 320 16.79 -26.75 25.68
CA VAL A 320 16.99 -27.68 24.58
C VAL A 320 17.36 -29.05 25.14
N GLU A 321 16.71 -30.09 24.63
CA GLU A 321 17.00 -31.47 24.98
C GLU A 321 17.57 -32.18 23.77
N GLY A 322 18.00 -33.43 23.98
CA GLY A 322 18.57 -34.17 22.87
C GLY A 322 19.94 -33.67 22.47
N GLY A 323 20.21 -33.70 21.16
CA GLY A 323 21.48 -33.27 20.63
C GLY A 323 21.39 -32.14 19.63
N SER A 324 22.15 -32.26 18.54
CA SER A 324 22.15 -31.26 17.47
C SER A 324 21.46 -31.82 16.24
N LEU A 325 20.88 -30.93 15.45
CA LEU A 325 20.09 -31.35 14.30
C LEU A 325 20.03 -30.23 13.28
N LYS A 326 20.22 -30.58 12.02
CA LYS A 326 20.30 -29.63 10.91
C LYS A 326 19.11 -29.85 10.00
N ILE A 327 18.03 -29.12 10.24
CA ILE A 327 16.83 -29.24 9.43
C ILE A 327 16.78 -28.04 8.50
N SER A 328 16.09 -28.19 7.38
CA SER A 328 16.04 -27.19 6.31
C SER A 328 14.59 -26.96 5.94
N PHE A 329 13.97 -25.96 6.54
CA PHE A 329 12.53 -25.74 6.43
C PHE A 329 12.23 -24.57 5.51
N ASN A 330 10.95 -24.20 5.45
CA ASN A 330 10.46 -23.08 4.66
C ASN A 330 10.12 -21.94 5.61
N SER A 331 10.51 -20.73 5.22
CA SER A 331 10.44 -19.60 6.13
C SER A 331 9.05 -19.00 6.22
N LYS A 332 8.27 -19.04 5.14
CA LYS A 332 6.89 -18.57 5.23
C LYS A 332 6.06 -19.49 6.09
N TYR A 333 6.31 -20.80 6.00
CA TYR A 333 5.55 -21.77 6.77
C TYR A 333 5.94 -21.73 8.25
N MET A 334 7.11 -21.18 8.56
CA MET A 334 7.51 -20.96 9.94
C MET A 334 7.02 -19.62 10.46
N MET A 335 7.04 -18.57 9.64
CA MET A 335 6.55 -17.27 10.09
C MET A 335 5.05 -17.26 10.25
N ASP A 336 4.32 -18.00 9.42
CA ASP A 336 2.87 -18.13 9.63
C ASP A 336 2.57 -18.92 10.88
N ALA A 337 3.34 -19.96 11.16
CA ALA A 337 3.09 -20.79 12.33
C ALA A 337 3.62 -20.16 13.62
N LEU A 338 4.44 -19.12 13.52
CA LEU A 338 4.81 -18.35 14.71
C LEU A 338 3.96 -17.11 14.89
N LYS A 339 3.34 -16.61 13.82
CA LYS A 339 2.41 -15.50 13.98
C LYS A 339 1.12 -15.97 14.62
N ALA A 340 0.75 -17.24 14.40
CA ALA A 340 -0.48 -17.77 14.96
C ALA A 340 -0.42 -18.01 16.45
N ILE A 341 0.77 -18.15 17.02
CA ILE A 341 0.91 -18.42 18.45
C ILE A 341 0.61 -17.14 19.23
N ASP A 342 -0.40 -17.20 20.10
CA ASP A 342 -0.68 -16.07 20.98
C ASP A 342 0.37 -15.94 22.06
N ASN A 343 0.99 -17.05 22.46
CA ASN A 343 1.99 -17.02 23.51
C ASN A 343 3.31 -16.44 22.99
N ASP A 344 4.14 -16.01 23.93
CA ASP A 344 5.46 -15.49 23.65
C ASP A 344 6.56 -16.49 23.98
N GLU A 345 6.22 -17.77 24.07
CA GLU A 345 7.26 -18.79 24.23
C GLU A 345 6.74 -20.08 23.60
N VAL A 346 7.09 -20.29 22.34
CA VAL A 346 6.67 -21.52 21.66
C VAL A 346 7.61 -22.62 22.12
N GLU A 347 7.24 -23.87 21.86
CA GLU A 347 8.01 -25.02 22.29
C GLU A 347 8.20 -25.92 21.07
N VAL A 348 9.24 -25.64 20.30
CA VAL A 348 9.49 -26.41 19.08
C VAL A 348 10.05 -27.76 19.49
N GLU A 349 9.54 -28.83 18.87
CA GLU A 349 10.20 -30.12 19.00
C GLU A 349 10.39 -30.71 17.61
N PHE A 350 11.58 -31.24 17.36
CA PHE A 350 11.95 -31.75 16.06
C PHE A 350 11.99 -33.26 16.06
N PHE A 351 11.52 -33.85 14.97
CA PHE A 351 11.47 -35.30 14.82
C PHE A 351 12.47 -35.63 13.72
N GLY A 352 13.74 -35.78 14.09
CA GLY A 352 14.75 -36.13 13.10
C GLY A 352 15.00 -35.08 12.03
N THR A 353 15.74 -35.49 11.01
CA THR A 353 16.07 -34.56 9.94
C THR A 353 15.14 -34.66 8.74
N MET A 354 14.45 -35.80 8.53
CA MET A 354 13.46 -35.92 7.45
C MET A 354 12.16 -36.49 8.00
N LYS A 355 11.39 -35.63 8.65
CA LYS A 355 10.05 -35.85 9.18
C LYS A 355 9.48 -34.49 9.57
N PRO A 356 8.15 -34.37 9.71
CA PRO A 356 7.59 -33.11 10.20
C PRO A 356 7.97 -32.82 11.65
N PHE A 357 7.82 -31.56 12.04
CA PHE A 357 8.18 -31.14 13.38
C PHE A 357 7.10 -30.25 13.98
N ILE A 358 6.75 -30.53 15.24
CA ILE A 358 5.70 -29.81 15.94
C ILE A 358 6.18 -28.41 16.28
N LEU A 359 5.30 -27.43 16.13
CA LEU A 359 5.53 -26.07 16.62
C LEU A 359 4.31 -25.69 17.46
N LYS A 360 4.37 -26.00 18.74
CA LYS A 360 3.29 -25.79 19.67
C LYS A 360 3.70 -24.83 20.77
N PRO A 361 2.78 -24.08 21.35
CA PRO A 361 3.12 -23.25 22.50
C PRO A 361 3.12 -24.07 23.78
N LYS A 362 3.95 -23.66 24.72
CA LYS A 362 4.03 -24.35 25.99
C LYS A 362 2.97 -23.77 26.94
N GLY A 363 2.39 -24.65 27.74
CA GLY A 363 1.23 -24.31 28.53
C GLY A 363 -0.09 -24.53 27.83
N ASP A 364 -0.08 -24.78 26.52
CA ASP A 364 -1.29 -25.06 25.76
C ASP A 364 -1.08 -26.35 24.97
N ASP A 365 -1.81 -27.39 25.33
CA ASP A 365 -1.76 -28.67 24.64
C ASP A 365 -2.80 -28.75 23.52
N SER A 366 -3.45 -27.65 23.18
CA SER A 366 -4.51 -27.67 22.18
C SER A 366 -3.97 -27.42 20.78
N VAL A 367 -3.38 -26.27 20.55
CA VAL A 367 -2.91 -25.88 19.23
C VAL A 367 -1.51 -26.45 18.99
N THR A 368 -1.36 -27.22 17.91
CA THR A 368 -0.05 -27.77 17.52
C THR A 368 0.10 -27.55 16.02
N GLN A 369 0.79 -26.48 15.64
CA GLN A 369 1.21 -26.34 14.25
C GLN A 369 2.22 -27.41 13.90
N LEU A 370 2.26 -27.76 12.63
CA LEU A 370 3.17 -28.78 12.14
C LEU A 370 3.62 -28.39 10.74
N ILE A 371 4.92 -28.52 10.50
CA ILE A 371 5.51 -28.18 9.22
C ILE A 371 6.15 -29.44 8.66
N LEU A 372 5.63 -29.92 7.53
CA LEU A 372 6.25 -31.03 6.84
C LEU A 372 7.61 -30.60 6.30
N PRO A 373 8.58 -31.52 6.18
CA PRO A 373 9.93 -31.11 5.78
C PRO A 373 9.99 -30.82 4.28
N ILE A 374 10.61 -29.68 3.94
CA ILE A 374 10.86 -29.32 2.55
C ILE A 374 12.38 -29.30 2.44
N ARG A 375 13.03 -30.17 3.20
CA ARG A 375 14.46 -30.31 3.14
C ARG A 375 14.87 -31.03 1.85
N THR A 376 16.19 -31.08 1.62
CA THR A 376 16.71 -31.64 0.38
C THR A 376 16.52 -33.15 0.33
N TYR A 377 16.47 -33.68 -0.88
CA TYR A 377 16.20 -35.09 -1.09
C TYR A 377 17.37 -35.79 -1.77
N LEU B 12 11.99 -13.30 -16.55
CA LEU B 12 10.84 -12.64 -15.93
C LEU B 12 10.18 -13.59 -14.94
N SER B 13 10.30 -14.89 -15.18
CA SER B 13 9.75 -15.88 -14.26
C SER B 13 10.50 -15.90 -12.93
N TYR B 14 11.76 -15.47 -12.94
CA TYR B 14 12.50 -15.22 -11.72
C TYR B 14 11.84 -14.12 -10.88
N TYR B 15 11.56 -12.98 -11.51
CA TYR B 15 10.90 -11.91 -10.77
C TYR B 15 9.43 -12.19 -10.56
N ARG B 16 8.81 -13.02 -11.40
CA ARG B 16 7.45 -13.48 -11.12
C ARG B 16 7.40 -14.31 -9.84
N GLY B 17 8.35 -15.24 -9.69
CA GLY B 17 8.42 -16.01 -8.46
C GLY B 17 8.78 -15.16 -7.25
N GLY B 18 9.64 -14.14 -7.46
CA GLY B 18 9.96 -13.22 -6.39
C GLY B 18 8.77 -12.40 -5.93
N HIS B 19 7.95 -11.93 -6.88
CA HIS B 19 6.76 -11.17 -6.51
C HIS B 19 5.72 -12.04 -5.85
N LYS B 20 5.50 -13.26 -6.34
CA LYS B 20 4.50 -14.10 -5.71
C LYS B 20 4.94 -14.57 -4.33
N ASP B 21 6.25 -14.77 -4.13
CA ASP B 21 6.72 -15.09 -2.78
C ASP B 21 6.59 -13.89 -1.87
N LEU B 22 6.79 -12.68 -2.37
CA LEU B 22 6.59 -11.50 -1.53
C LEU B 22 5.13 -11.22 -1.28
N GLU B 23 4.24 -11.63 -2.18
CA GLU B 23 2.83 -11.38 -1.93
C GLU B 23 2.25 -12.41 -0.98
N SER B 24 2.67 -13.67 -1.09
CA SER B 24 2.22 -14.67 -0.12
C SER B 24 2.82 -14.46 1.25
N MET B 25 3.90 -13.68 1.35
CA MET B 25 4.39 -13.21 2.64
C MET B 25 3.89 -11.80 2.95
N PHE B 26 2.93 -11.29 2.19
CA PHE B 26 2.16 -10.12 2.57
C PHE B 26 0.77 -10.46 3.06
N GLU B 27 0.08 -11.38 2.39
CA GLU B 27 -1.32 -11.67 2.69
C GLU B 27 -1.53 -12.40 4.01
N LEU B 28 -0.45 -12.73 4.73
CA LEU B 28 -0.53 -13.10 6.13
C LEU B 28 0.20 -12.10 7.02
N ALA B 29 0.31 -10.86 6.54
CA ALA B 29 0.80 -9.70 7.29
C ALA B 29 2.23 -9.87 7.79
N LEU B 30 3.04 -10.59 7.04
CA LEU B 30 4.46 -10.75 7.37
C LEU B 30 5.32 -9.69 6.71
N GLU B 31 4.71 -8.73 6.01
CA GLU B 31 5.40 -7.70 5.26
C GLU B 31 4.49 -6.48 5.17
N TYR B 32 5.07 -5.29 5.28
CA TYR B 32 4.27 -4.09 5.29
C TYR B 32 3.84 -3.72 3.88
N ILE B 33 2.82 -2.85 3.79
CA ILE B 33 2.14 -2.66 2.52
C ILE B 33 2.93 -1.76 1.56
N GLU B 34 3.76 -0.85 2.08
CA GLU B 34 4.48 0.07 1.20
C GLU B 34 5.54 -0.65 0.38
N LYS B 35 6.22 -1.62 0.99
CA LYS B 35 7.20 -2.42 0.27
C LYS B 35 6.56 -3.22 -0.83
N LEU B 36 5.42 -3.86 -0.55
CA LEU B 36 4.75 -4.61 -1.60
C LEU B 36 4.12 -3.68 -2.63
N GLU B 37 3.79 -2.44 -2.26
CA GLU B 37 3.28 -1.48 -3.24
C GLU B 37 4.35 -1.09 -4.25
N GLU B 38 5.54 -0.69 -3.77
CA GLU B 38 6.58 -0.34 -4.74
C GLU B 38 7.09 -1.57 -5.50
N GLU B 39 7.13 -2.74 -4.85
CA GLU B 39 7.52 -3.94 -5.57
C GLU B 39 6.46 -4.36 -6.59
N ASP B 40 5.20 -4.06 -6.30
CA ASP B 40 4.12 -4.37 -7.23
C ASP B 40 4.17 -3.45 -8.43
N GLU B 41 4.48 -2.16 -8.22
CA GLU B 41 4.63 -1.26 -9.35
C GLU B 41 5.85 -1.61 -10.19
N GLN B 42 6.90 -2.15 -9.56
CA GLN B 42 8.03 -2.68 -10.34
C GLN B 42 7.61 -3.87 -11.19
N GLN B 43 6.76 -4.74 -10.65
CA GLN B 43 6.31 -5.88 -11.45
C GLN B 43 5.39 -5.45 -12.59
N VAL B 44 4.55 -4.43 -12.35
CA VAL B 44 3.68 -3.93 -13.43
C VAL B 44 4.51 -3.27 -14.52
N THR B 45 5.59 -2.59 -14.15
CA THR B 45 6.52 -2.06 -15.15
C THR B 45 7.18 -3.18 -15.95
N ASP B 46 7.58 -4.26 -15.28
CA ASP B 46 8.17 -5.40 -16.00
C ASP B 46 7.16 -6.09 -16.90
N TYR B 47 5.89 -6.18 -16.48
CA TYR B 47 4.86 -6.77 -17.33
C TYR B 47 4.59 -5.92 -18.55
N GLU B 48 4.60 -4.61 -18.40
CA GLU B 48 4.33 -3.74 -19.56
C GLU B 48 5.52 -3.74 -20.51
N ASN B 49 6.74 -3.85 -20.00
CA ASN B 49 7.89 -4.05 -20.88
C ASN B 49 7.82 -5.38 -21.61
N ALA B 50 7.37 -6.44 -20.92
CA ALA B 50 7.26 -7.74 -21.57
C ALA B 50 6.11 -7.78 -22.59
N MET B 51 5.08 -6.97 -22.39
CA MET B 51 3.99 -6.93 -23.36
C MET B 51 4.31 -6.03 -24.55
N GLU B 52 5.11 -4.98 -24.36
CA GLU B 52 5.55 -4.23 -25.54
C GLU B 52 6.68 -4.92 -26.27
N GLU B 53 7.41 -5.83 -25.61
CA GLU B 53 8.46 -6.58 -26.30
C GLU B 53 7.87 -7.64 -27.22
N GLU B 54 6.83 -8.33 -26.77
CA GLU B 54 6.19 -9.39 -27.57
C GLU B 54 5.39 -8.79 -28.72
N MET C 1 39.73 -2.67 3.73
CA MET C 1 39.14 -3.25 4.92
C MET C 1 38.46 -2.20 5.78
N MET C 2 37.32 -1.70 5.29
CA MET C 2 36.49 -0.79 6.06
C MET C 2 35.95 -1.49 7.30
N GLU C 3 35.85 -0.75 8.41
CA GLU C 3 35.26 -1.30 9.63
C GLU C 3 34.76 -0.16 10.49
N PHE C 4 33.45 -0.05 10.63
CA PHE C 4 32.86 0.99 11.47
C PHE C 4 31.58 0.45 12.10
N THR C 5 31.15 1.07 13.18
CA THR C 5 30.00 0.61 13.96
C THR C 5 29.01 1.75 14.19
N ILE C 6 28.13 1.94 13.23
CA ILE C 6 27.21 3.08 13.23
C ILE C 6 25.92 2.70 13.96
N LYS C 7 25.33 3.68 14.63
CA LYS C 7 24.01 3.51 15.22
C LYS C 7 22.98 3.26 14.12
N ARG C 8 22.14 2.24 14.31
CA ARG C 8 21.24 1.81 13.25
C ARG C 8 20.08 2.77 13.05
N ASP C 9 19.58 3.36 14.15
CA ASP C 9 18.41 4.24 14.05
C ASP C 9 18.70 5.54 13.32
N TYR C 10 19.97 5.91 13.20
CA TYR C 10 20.39 7.04 12.38
C TYR C 10 20.89 6.61 11.02
N PHE C 11 21.48 5.42 10.92
CA PHE C 11 21.98 4.94 9.64
C PHE C 11 20.85 4.53 8.71
N ILE C 12 19.70 4.12 9.25
CA ILE C 12 18.54 3.88 8.39
C ILE C 12 18.01 5.18 7.82
N THR C 13 17.87 6.21 8.65
CA THR C 13 17.30 7.45 8.14
C THR C 13 18.28 8.28 7.35
N GLN C 14 19.57 7.95 7.38
CA GLN C 14 20.52 8.56 6.44
C GLN C 14 20.88 7.64 5.29
N LEU C 15 20.40 6.40 5.30
CA LEU C 15 20.59 5.48 4.19
C LEU C 15 19.37 5.37 3.31
N ASN C 16 18.20 5.67 3.86
CA ASN C 16 16.97 5.71 3.08
C ASN C 16 16.86 7.00 2.29
N ASP C 17 17.74 7.97 2.54
CA ASP C 17 17.84 9.14 1.68
C ASP C 17 18.70 8.83 0.46
N THR C 18 19.87 8.24 0.68
CA THR C 18 20.75 7.87 -0.43
C THR C 18 20.30 6.63 -1.16
N LEU C 19 19.20 6.00 -0.72
CA LEU C 19 18.56 4.97 -1.52
C LEU C 19 17.75 5.57 -2.65
N LYS C 20 17.28 6.80 -2.46
CA LYS C 20 16.36 7.43 -3.41
C LYS C 20 17.03 7.80 -4.72
N ALA C 21 18.35 7.88 -4.75
CA ALA C 21 19.07 8.08 -5.99
C ALA C 21 19.49 6.78 -6.65
N ILE C 22 19.32 5.65 -5.99
CA ILE C 22 19.62 4.35 -6.56
C ILE C 22 18.41 3.88 -7.35
N SER C 23 18.50 3.96 -8.65
CA SER C 23 17.38 3.47 -9.43
C SER C 23 17.74 2.11 -10.03
N PRO C 24 16.87 1.08 -9.90
CA PRO C 24 17.18 -0.26 -10.41
C PRO C 24 16.88 -0.44 -11.89
N ARG C 25 17.28 0.55 -12.69
CA ARG C 25 17.11 0.50 -14.14
C ARG C 25 18.37 0.95 -14.86
N THR C 26 19.44 1.21 -14.13
CA THR C 26 20.66 1.75 -14.72
C THR C 26 21.41 0.64 -15.43
N THR C 27 21.95 0.95 -16.62
CA THR C 27 22.64 -0.04 -17.42
C THR C 27 23.99 -0.44 -16.83
N LEU C 28 24.52 0.34 -15.88
CA LEU C 28 25.76 -0.16 -15.28
C LEU C 28 25.44 -1.02 -14.06
N PRO C 29 26.19 -2.10 -13.82
CA PRO C 29 25.95 -2.91 -12.62
C PRO C 29 26.49 -2.30 -11.35
N ILE C 30 27.26 -1.21 -11.44
CA ILE C 30 27.84 -0.58 -10.26
C ILE C 30 26.95 0.56 -9.74
N LEU C 31 26.16 1.20 -10.60
CA LEU C 31 25.32 2.32 -10.18
C LEU C 31 24.01 1.89 -9.56
N THR C 32 23.76 0.59 -9.43
CA THR C 32 22.63 0.10 -8.66
C THR C 32 23.02 -0.20 -7.22
N GLY C 33 24.14 0.34 -6.76
CA GLY C 33 24.63 0.04 -5.44
C GLY C 33 25.04 1.29 -4.69
N ILE C 34 25.04 1.17 -3.36
CA ILE C 34 25.38 2.25 -2.45
C ILE C 34 26.86 2.15 -2.14
N LYS C 35 27.60 3.23 -2.38
CA LYS C 35 29.01 3.28 -2.02
C LYS C 35 29.14 3.84 -0.62
N ILE C 36 29.55 3.00 0.32
CA ILE C 36 29.83 3.43 1.68
C ILE C 36 31.32 3.63 1.80
N ASP C 37 31.73 4.78 2.32
CA ASP C 37 33.14 5.12 2.43
C ASP C 37 33.37 5.73 3.80
N ALA C 38 33.99 4.98 4.68
CA ALA C 38 34.31 5.46 6.02
C ALA C 38 35.71 6.07 6.00
N LYS C 39 35.78 7.38 6.17
CA LYS C 39 37.05 8.05 6.35
C LYS C 39 37.36 8.14 7.84
N GLU C 40 38.36 8.95 8.21
CA GLU C 40 38.85 8.96 9.58
C GLU C 40 37.86 9.59 10.55
N HIS C 41 36.93 10.42 10.07
CA HIS C 41 35.99 11.07 10.96
C HIS C 41 34.57 11.10 10.44
N GLU C 42 34.29 10.53 9.27
CA GLU C 42 32.95 10.61 8.70
C GLU C 42 32.74 9.46 7.74
N VAL C 43 31.46 9.16 7.49
CA VAL C 43 31.05 8.10 6.57
C VAL C 43 30.15 8.72 5.52
N ILE C 44 30.54 8.62 4.25
CA ILE C 44 29.76 9.18 3.16
C ILE C 44 29.09 8.03 2.40
N LEU C 45 27.88 8.28 1.90
CA LEU C 45 27.08 7.23 1.28
C LEU C 45 26.71 7.69 -0.13
N THR C 46 27.63 7.53 -1.06
CA THR C 46 27.44 8.04 -2.41
C THR C 46 26.51 7.11 -3.18
N GLY C 47 25.27 7.52 -3.37
CA GLY C 47 24.36 6.75 -4.19
C GLY C 47 23.99 7.53 -5.43
N SER C 48 24.12 6.93 -6.61
CA SER C 48 23.95 7.66 -7.86
C SER C 48 23.18 6.81 -8.86
N ASP C 49 22.70 7.46 -9.92
CA ASP C 49 22.21 6.76 -11.09
C ASP C 49 22.55 7.50 -12.38
N SER C 50 23.68 8.22 -12.39
CA SER C 50 24.23 9.03 -13.48
C SER C 50 23.35 10.20 -13.89
N GLU C 51 22.26 10.44 -13.16
CA GLU C 51 21.41 11.61 -13.32
C GLU C 51 21.39 12.45 -12.05
N ILE C 52 21.05 11.84 -10.91
CA ILE C 52 21.16 12.49 -9.61
C ILE C 52 22.13 11.67 -8.78
N SER C 53 22.69 12.29 -7.74
CA SER C 53 23.64 11.60 -6.90
C SER C 53 23.68 12.26 -5.54
N ILE C 54 23.56 11.44 -4.49
CA ILE C 54 23.42 11.92 -3.13
C ILE C 54 24.64 11.48 -2.35
N GLU C 55 25.33 12.42 -1.70
CA GLU C 55 26.47 12.13 -0.84
C GLU C 55 26.15 12.61 0.56
N ILE C 56 26.05 11.70 1.51
CA ILE C 56 25.59 12.04 2.85
C ILE C 56 26.73 11.79 3.81
N THR C 57 27.38 12.85 4.26
CA THR C 57 28.45 12.73 5.24
C THR C 57 27.83 12.49 6.61
N ILE C 58 28.06 11.32 7.19
CA ILE C 58 27.62 11.00 8.53
C ILE C 58 28.82 11.19 9.46
N PRO C 59 28.85 12.25 10.27
CA PRO C 59 30.02 12.50 11.10
C PRO C 59 30.03 11.59 12.32
N LYS C 60 31.10 11.69 13.11
CA LYS C 60 31.22 10.86 14.30
C LYS C 60 30.28 11.29 15.42
N THR C 61 29.74 12.51 15.35
CA THR C 61 28.77 12.95 16.34
C THR C 61 27.70 13.81 15.67
N VAL C 62 26.45 13.58 16.07
CA VAL C 62 25.31 14.34 15.57
C VAL C 62 24.55 14.83 16.79
N ASP C 63 24.55 16.15 17.01
CA ASP C 63 23.88 16.81 18.13
C ASP C 63 24.36 16.29 19.48
N GLY C 64 25.66 16.03 19.59
CA GLY C 64 26.28 15.65 20.83
C GLY C 64 26.49 14.16 21.01
N GLU C 65 25.52 13.34 20.63
CA GLU C 65 25.62 11.90 20.81
C GLU C 65 26.55 11.29 19.77
N ASP C 66 27.18 10.18 20.14
CA ASP C 66 28.09 9.51 19.23
C ASP C 66 27.31 8.64 18.27
N ILE C 67 27.75 8.61 17.01
CA ILE C 67 27.09 7.86 15.96
C ILE C 67 28.01 6.78 15.39
N VAL C 68 29.13 7.17 14.82
CA VAL C 68 30.03 6.24 14.15
C VAL C 68 31.30 6.13 14.97
N ASN C 69 31.89 4.94 15.00
CA ASN C 69 33.22 4.72 15.55
C ASN C 69 33.99 3.92 14.49
N ILE C 70 34.70 4.62 13.63
CA ILE C 70 35.41 3.97 12.53
C ILE C 70 36.64 3.27 13.09
N SER C 71 36.68 1.95 12.97
CA SER C 71 37.85 1.20 13.42
C SER C 71 38.93 1.14 12.34
N GLU C 72 38.54 1.10 11.07
CA GLU C 72 39.51 1.13 9.98
C GLU C 72 38.85 1.76 8.78
N THR C 73 39.59 2.62 8.08
CA THR C 73 39.06 3.36 6.95
C THR C 73 39.10 2.52 5.68
N GLY C 74 38.22 2.86 4.75
CA GLY C 74 38.10 2.11 3.51
C GLY C 74 36.73 2.36 2.90
N SER C 75 36.46 1.61 1.84
CA SER C 75 35.20 1.82 1.12
C SER C 75 34.77 0.54 0.41
N VAL C 76 33.47 0.44 0.16
CA VAL C 76 32.89 -0.72 -0.50
C VAL C 76 31.60 -0.27 -1.16
N VAL C 77 31.16 -1.00 -2.18
CA VAL C 77 29.92 -0.70 -2.89
C VAL C 77 29.00 -1.90 -2.69
N LEU C 78 28.14 -1.80 -1.69
CA LEU C 78 27.15 -2.82 -1.42
C LEU C 78 26.00 -2.70 -2.41
N PRO C 79 25.21 -3.75 -2.61
CA PRO C 79 24.01 -3.61 -3.46
C PRO C 79 22.99 -2.65 -2.86
N GLY C 80 22.18 -2.06 -3.72
CA GLY C 80 21.47 -0.86 -3.33
C GLY C 80 20.24 -1.04 -2.47
N ARG C 81 19.20 -1.66 -3.02
CA ARG C 81 17.95 -1.81 -2.27
C ARG C 81 18.08 -2.89 -1.20
N PHE C 82 18.87 -3.92 -1.49
CA PHE C 82 18.94 -5.06 -0.58
C PHE C 82 19.67 -4.71 0.70
N PHE C 83 20.69 -3.84 0.64
CA PHE C 83 21.39 -3.48 1.87
C PHE C 83 20.54 -2.62 2.78
N VAL C 84 19.71 -1.75 2.21
CA VAL C 84 18.78 -1.00 3.05
C VAL C 84 17.72 -1.93 3.62
N ASP C 85 17.34 -2.96 2.85
CA ASP C 85 16.42 -3.96 3.35
C ASP C 85 17.04 -4.79 4.47
N ILE C 86 18.37 -4.94 4.47
CA ILE C 86 19.05 -5.60 5.59
C ILE C 86 19.03 -4.70 6.82
N ILE C 87 19.43 -3.43 6.65
CA ILE C 87 19.59 -2.55 7.80
C ILE C 87 18.23 -2.21 8.44
N LYS C 88 17.14 -2.24 7.66
CA LYS C 88 15.84 -2.00 8.27
C LYS C 88 15.35 -3.14 9.15
N LYS C 89 15.95 -4.33 9.05
CA LYS C 89 15.45 -5.50 9.76
C LYS C 89 16.30 -5.91 10.95
N LEU C 90 17.48 -5.34 11.14
CA LEU C 90 18.40 -5.80 12.16
C LEU C 90 17.90 -5.47 13.56
N PRO C 91 18.17 -6.32 14.56
CA PRO C 91 17.55 -6.11 15.88
C PRO C 91 18.22 -5.05 16.74
N GLY C 92 19.54 -4.93 16.66
CA GLY C 92 20.26 -4.07 17.56
C GLY C 92 20.22 -2.62 17.14
N LYS C 93 20.77 -1.76 18.00
CA LYS C 93 20.96 -0.35 17.68
C LYS C 93 22.39 -0.05 17.26
N ASP C 94 23.19 -1.08 17.00
CA ASP C 94 24.53 -0.92 16.45
C ASP C 94 24.69 -1.85 15.27
N VAL C 95 25.19 -1.31 14.17
CA VAL C 95 25.45 -2.08 12.95
C VAL C 95 26.94 -1.94 12.65
N LYS C 96 27.66 -3.04 12.73
CA LYS C 96 29.11 -3.02 12.56
C LYS C 96 29.46 -3.68 11.23
N LEU C 97 29.69 -2.87 10.21
CA LEU C 97 30.20 -3.41 8.95
C LEU C 97 31.69 -3.65 9.06
N SER C 98 32.17 -4.66 8.34
CA SER C 98 33.59 -4.98 8.35
C SER C 98 33.93 -5.65 7.02
N THR C 99 34.55 -4.89 6.13
CA THR C 99 34.91 -5.39 4.81
C THR C 99 36.23 -6.15 4.89
N ASN C 100 36.38 -7.17 4.06
CA ASN C 100 37.65 -7.87 3.90
C ASN C 100 38.15 -7.69 2.47
N GLU C 101 39.20 -8.42 2.13
CA GLU C 101 39.60 -8.54 0.74
C GLU C 101 38.52 -9.28 -0.05
N GLN C 102 38.43 -8.95 -1.34
CA GLN C 102 37.35 -9.27 -2.28
C GLN C 102 36.00 -8.65 -1.90
N PHE C 103 35.99 -7.77 -0.91
CA PHE C 103 34.87 -6.88 -0.57
C PHE C 103 33.61 -7.65 -0.19
N GLN C 104 33.71 -8.34 0.94
CA GLN C 104 32.57 -9.02 1.57
C GLN C 104 32.39 -8.44 2.97
N THR C 105 31.24 -7.83 3.22
CA THR C 105 31.02 -7.06 4.44
C THR C 105 30.19 -7.84 5.44
N LEU C 106 30.70 -7.98 6.66
CA LEU C 106 30.05 -8.76 7.70
C LEU C 106 29.18 -7.82 8.54
N ILE C 107 27.91 -7.74 8.20
CA ILE C 107 26.98 -6.81 8.85
C ILE C 107 26.56 -7.45 10.16
N THR C 108 27.27 -7.14 11.24
CA THR C 108 26.98 -7.71 12.54
C THR C 108 26.16 -6.76 13.37
N SER C 109 24.99 -7.20 13.82
CA SER C 109 24.12 -6.38 14.65
C SER C 109 23.55 -7.25 15.78
N GLY C 110 24.22 -7.22 16.93
CA GLY C 110 23.80 -8.06 18.03
C GLY C 110 24.09 -9.53 17.77
N HIS C 111 23.05 -10.31 17.52
CA HIS C 111 23.20 -11.72 17.18
C HIS C 111 23.26 -11.98 15.70
N SER C 112 22.52 -11.21 14.90
CA SER C 112 22.50 -11.40 13.46
C SER C 112 23.85 -11.08 12.83
N GLU C 113 24.18 -11.80 11.77
CA GLU C 113 25.47 -11.61 11.11
C GLU C 113 25.30 -11.93 9.64
N PHE C 114 25.03 -10.91 8.85
CA PHE C 114 24.99 -11.05 7.42
C PHE C 114 26.40 -11.07 6.86
N ASN C 115 26.53 -11.43 5.60
CA ASN C 115 27.84 -11.38 4.95
C ASN C 115 27.57 -11.13 3.46
N LEU C 116 27.54 -9.86 3.08
CA LEU C 116 27.16 -9.51 1.72
C LEU C 116 28.36 -9.70 0.78
N SER C 117 28.17 -9.31 -0.48
CA SER C 117 29.21 -9.34 -1.49
C SER C 117 29.22 -7.96 -2.15
N GLY C 118 29.98 -7.05 -1.56
CA GLY C 118 30.16 -5.75 -2.17
C GLY C 118 31.09 -5.80 -3.36
N LEU C 119 31.03 -4.77 -4.17
CA LEU C 119 31.86 -4.69 -5.35
C LEU C 119 33.07 -3.81 -5.08
N ASP C 120 33.93 -3.68 -6.07
CA ASP C 120 35.14 -2.87 -5.95
C ASP C 120 34.75 -1.40 -6.05
N PRO C 121 35.08 -0.57 -5.06
CA PRO C 121 34.73 0.86 -5.15
C PRO C 121 35.61 1.65 -6.11
N ASP C 122 36.69 1.08 -6.62
CA ASP C 122 37.55 1.81 -7.55
C ASP C 122 36.96 1.89 -8.94
N GLN C 123 35.97 1.06 -9.27
CA GLN C 123 35.28 1.15 -10.54
C GLN C 123 33.97 1.90 -10.44
N TYR C 124 33.61 2.38 -9.25
CA TYR C 124 32.46 3.26 -9.11
C TYR C 124 32.82 4.62 -9.71
N PRO C 125 31.94 5.23 -10.49
CA PRO C 125 32.31 6.47 -11.18
C PRO C 125 32.42 7.64 -10.22
N LEU C 126 33.23 8.61 -10.61
CA LEU C 126 33.49 9.76 -9.76
C LEU C 126 32.27 10.66 -9.65
N LEU C 127 32.19 11.36 -8.53
CA LEU C 127 31.10 12.29 -8.32
C LEU C 127 31.31 13.53 -9.18
N PRO C 128 30.26 14.07 -9.80
CA PRO C 128 30.40 15.32 -10.56
C PRO C 128 30.70 16.49 -9.62
N GLN C 129 31.80 17.18 -9.90
CA GLN C 129 32.25 18.28 -9.08
C GLN C 129 31.57 19.57 -9.53
N VAL C 130 31.01 20.31 -8.58
CA VAL C 130 30.27 21.54 -8.83
C VAL C 130 31.01 22.68 -8.16
N SER C 131 31.29 23.74 -8.92
CA SER C 131 31.99 24.90 -8.40
C SER C 131 31.13 25.63 -7.38
N ARG C 132 31.76 26.15 -6.33
CA ARG C 132 31.05 26.70 -5.18
C ARG C 132 30.74 28.18 -5.32
N ASP C 133 30.83 28.73 -6.53
CA ASP C 133 30.24 30.02 -6.79
C ASP C 133 28.78 29.83 -7.24
N ASP C 134 28.12 30.93 -7.60
CA ASP C 134 26.70 30.98 -7.95
C ASP C 134 25.84 30.41 -6.82
N ALA C 135 26.03 30.98 -5.63
CA ALA C 135 25.37 30.49 -4.43
C ALA C 135 24.01 31.14 -4.29
N ILE C 136 22.99 30.33 -4.11
CA ILE C 136 21.63 30.78 -3.82
C ILE C 136 21.19 30.07 -2.55
N GLN C 137 20.86 30.84 -1.53
CA GLN C 137 20.54 30.29 -0.21
C GLN C 137 19.04 30.42 0.03
N LEU C 138 18.33 29.31 -0.09
CA LEU C 138 16.95 29.24 0.31
C LEU C 138 16.84 28.67 1.72
N SER C 139 15.63 28.63 2.25
CA SER C 139 15.39 27.90 3.49
C SER C 139 14.82 26.52 3.15
N VAL C 140 14.70 25.67 4.17
CA VAL C 140 14.09 24.37 3.94
C VAL C 140 12.59 24.51 3.77
N LYS C 141 11.96 25.37 4.57
CA LYS C 141 10.52 25.58 4.46
C LYS C 141 10.17 26.26 3.14
N VAL C 142 10.99 27.23 2.72
CA VAL C 142 10.72 27.94 1.47
C VAL C 142 10.93 27.03 0.28
N LEU C 143 12.00 26.23 0.28
CA LEU C 143 12.24 25.36 -0.87
C LEU C 143 11.30 24.16 -0.91
N LYS C 144 10.90 23.62 0.25
CA LYS C 144 9.84 22.60 0.23
C LYS C 144 8.51 23.19 -0.21
N ASN C 145 8.25 24.46 0.10
CA ASN C 145 7.05 25.11 -0.41
C ASN C 145 7.12 25.31 -1.92
N VAL C 146 8.30 25.67 -2.45
CA VAL C 146 8.45 25.85 -3.89
C VAL C 146 8.33 24.53 -4.63
N ILE C 147 8.93 23.46 -4.09
CA ILE C 147 8.83 22.15 -4.72
C ILE C 147 7.40 21.59 -4.61
N ALA C 148 6.68 21.93 -3.54
CA ALA C 148 5.29 21.49 -3.44
C ALA C 148 4.38 22.28 -4.38
N GLN C 149 4.67 23.57 -4.59
CA GLN C 149 3.81 24.39 -5.43
C GLN C 149 4.20 24.38 -6.90
N THR C 150 5.30 23.79 -7.25
CA THR C 150 5.70 23.81 -8.65
C THR C 150 5.94 22.43 -9.23
N ASN C 151 6.57 21.53 -8.48
CA ASN C 151 6.91 20.21 -9.00
C ASN C 151 5.75 19.23 -8.80
N PHE C 152 4.63 19.56 -9.45
CA PHE C 152 3.59 18.59 -9.73
C PHE C 152 3.28 18.70 -11.21
N ALA C 153 3.55 19.89 -11.75
CA ALA C 153 3.18 20.28 -13.09
C ALA C 153 4.27 20.00 -14.11
N VAL C 154 5.14 19.04 -13.85
CA VAL C 154 6.13 18.66 -14.85
C VAL C 154 5.58 17.55 -15.74
N SER C 155 6.14 17.44 -16.93
CA SER C 155 5.70 16.44 -17.88
C SER C 155 6.33 15.09 -17.57
N THR C 156 5.53 14.04 -17.72
CA THR C 156 6.02 12.68 -17.54
C THR C 156 6.32 12.00 -18.87
N SER C 157 6.30 12.75 -19.97
CA SER C 157 6.57 12.21 -21.30
C SER C 157 7.88 12.79 -21.79
N GLU C 158 8.80 11.92 -22.19
CA GLU C 158 10.13 12.32 -22.62
C GLU C 158 10.21 12.59 -24.12
N THR C 159 9.07 12.80 -24.78
CA THR C 159 9.09 13.21 -26.17
C THR C 159 9.58 14.66 -26.30
N ARG C 160 9.14 15.52 -25.37
CA ARG C 160 9.66 16.88 -25.24
C ARG C 160 10.40 16.95 -23.92
N PRO C 161 11.71 16.68 -23.90
CA PRO C 161 12.42 16.59 -22.61
C PRO C 161 12.92 17.93 -22.11
N VAL C 162 12.11 18.98 -22.23
CA VAL C 162 12.44 20.28 -21.64
C VAL C 162 11.30 20.61 -20.70
N LEU C 163 10.10 20.11 -21.04
CA LEU C 163 8.92 20.27 -20.21
C LEU C 163 8.88 19.29 -19.05
N THR C 164 9.82 18.35 -18.99
CA THR C 164 9.95 17.44 -17.86
C THR C 164 10.80 18.00 -16.74
N GLY C 165 11.06 19.30 -16.74
CA GLY C 165 11.88 19.90 -15.71
C GLY C 165 11.32 21.23 -15.27
N VAL C 166 11.66 21.61 -14.05
CA VAL C 166 11.24 22.88 -13.47
C VAL C 166 12.21 23.96 -13.89
N ASN C 167 11.72 24.98 -14.58
CA ASN C 167 12.55 26.13 -14.90
C ASN C 167 12.75 26.96 -13.64
N TRP C 168 14.00 27.36 -13.37
CA TRP C 168 14.28 28.38 -12.37
C TRP C 168 14.93 29.55 -13.09
N LEU C 169 14.23 30.67 -13.15
CA LEU C 169 14.70 31.86 -13.85
C LEU C 169 15.05 32.92 -12.81
N ILE C 170 16.34 33.05 -12.53
CA ILE C 170 16.81 34.08 -11.61
C ILE C 170 17.19 35.30 -12.43
N GLN C 171 16.58 36.44 -12.11
CA GLN C 171 16.99 37.71 -12.70
C GLN C 171 16.66 38.84 -11.74
N GLU C 172 17.71 39.46 -11.19
CA GLU C 172 17.65 40.61 -10.28
C GLU C 172 16.80 40.28 -9.04
N ASN C 173 17.36 39.35 -8.25
CA ASN C 173 16.91 39.06 -6.89
C ASN C 173 15.49 38.44 -6.88
N GLU C 174 15.09 37.84 -7.98
CA GLU C 174 13.76 37.23 -8.09
C GLU C 174 13.90 35.84 -8.68
N LEU C 175 13.17 34.88 -8.11
CA LEU C 175 13.20 33.49 -8.55
C LEU C 175 11.81 33.12 -9.06
N ILE C 176 11.75 32.65 -10.31
CA ILE C 176 10.49 32.40 -11.00
C ILE C 176 10.48 30.92 -11.38
N CYS C 177 9.81 30.10 -10.58
CA CYS C 177 9.82 28.65 -10.74
C CYS C 177 8.57 28.22 -11.49
N THR C 178 8.70 27.95 -12.78
CA THR C 178 7.59 27.51 -13.60
C THR C 178 7.71 26.01 -13.88
N ALA C 179 6.59 25.40 -14.26
CA ALA C 179 6.57 23.99 -14.63
C ALA C 179 5.36 23.75 -15.52
N THR C 180 5.60 23.23 -16.72
CA THR C 180 4.56 23.12 -17.73
C THR C 180 4.58 21.72 -18.30
N ASP C 181 3.41 21.12 -18.50
CA ASP C 181 3.31 19.91 -19.30
C ASP C 181 2.37 20.13 -20.49
N SER C 182 2.28 21.38 -20.95
CA SER C 182 1.39 21.88 -22.00
C SER C 182 -0.09 21.71 -21.68
N HIS C 183 -0.42 21.38 -20.43
CA HIS C 183 -1.77 21.39 -19.90
C HIS C 183 -1.91 22.15 -18.60
N ARG C 184 -0.88 22.20 -17.77
CA ARG C 184 -0.83 22.95 -16.54
C ARG C 184 0.27 24.00 -16.62
N LEU C 185 0.36 24.79 -15.56
CA LEU C 185 1.40 25.79 -15.37
C LEU C 185 1.34 26.20 -13.91
N ALA C 186 2.50 26.33 -13.27
CA ALA C 186 2.56 26.67 -11.86
C ALA C 186 3.75 27.59 -11.65
N VAL C 187 3.50 28.89 -11.61
CA VAL C 187 4.56 29.90 -11.56
C VAL C 187 4.65 30.41 -10.14
N ARG C 188 5.73 30.05 -9.44
CA ARG C 188 5.98 30.55 -8.09
C ARG C 188 7.01 31.67 -8.16
N LYS C 189 6.58 32.88 -7.85
CA LYS C 189 7.50 33.99 -7.68
C LYS C 189 8.13 33.93 -6.30
N LEU C 190 9.38 34.37 -6.21
CA LEU C 190 10.12 34.29 -4.97
C LEU C 190 11.28 35.27 -5.02
N GLN C 191 11.35 36.16 -4.04
CA GLN C 191 12.45 37.11 -3.95
C GLN C 191 13.50 36.56 -2.98
N LEU C 192 14.76 36.65 -3.38
CA LEU C 192 15.85 36.09 -2.60
C LEU C 192 16.33 37.15 -1.60
N GLU C 193 17.35 36.80 -0.82
CA GLU C 193 17.90 37.75 0.14
C GLU C 193 19.23 38.34 -0.31
N ASP C 194 19.81 37.82 -1.38
CA ASP C 194 21.10 38.30 -1.89
C ASP C 194 21.00 38.67 -3.36
N VAL C 195 22.13 38.94 -3.99
CA VAL C 195 22.18 39.17 -5.42
C VAL C 195 22.72 37.91 -6.08
N SER C 196 22.16 37.57 -7.24
CA SER C 196 22.59 36.40 -7.99
C SER C 196 22.61 36.72 -9.47
N GLU C 197 23.39 35.95 -10.21
CA GLU C 197 23.54 36.17 -11.64
C GLU C 197 22.30 35.69 -12.38
N ASN C 198 22.22 36.06 -13.65
CA ASN C 198 21.08 35.71 -14.47
C ASN C 198 21.17 34.26 -14.88
N LYS C 199 20.42 33.39 -14.21
CA LYS C 199 20.42 31.96 -14.47
C LYS C 199 19.11 31.56 -15.12
N ASN C 200 19.18 30.66 -16.10
CA ASN C 200 18.01 30.09 -16.74
C ASN C 200 18.27 28.59 -16.82
N VAL C 201 17.90 27.88 -15.76
CA VAL C 201 18.22 26.47 -15.60
C VAL C 201 16.93 25.66 -15.61
N ILE C 202 17.06 24.38 -15.90
CA ILE C 202 15.92 23.46 -15.97
C ILE C 202 16.26 22.29 -15.06
N ILE C 203 15.79 22.35 -13.82
CA ILE C 203 16.03 21.27 -12.86
C ILE C 203 14.94 20.21 -13.06
N PRO C 204 15.28 18.94 -13.18
CA PRO C 204 14.30 17.93 -13.59
C PRO C 204 13.21 17.68 -12.56
N GLY C 205 12.15 17.04 -13.02
CA GLY C 205 10.98 16.81 -12.21
C GLY C 205 11.19 15.75 -11.15
N LYS C 206 11.86 14.67 -11.51
CA LYS C 206 12.20 13.61 -10.57
C LYS C 206 13.53 13.87 -9.87
N ALA C 207 14.11 15.05 -10.05
CA ALA C 207 15.29 15.47 -9.31
C ALA C 207 14.94 16.48 -8.24
N LEU C 208 13.66 16.80 -8.08
CA LEU C 208 13.19 17.58 -6.95
C LEU C 208 12.10 16.90 -6.16
N ALA C 209 11.39 15.93 -6.75
CA ALA C 209 10.53 15.07 -5.95
C ALA C 209 11.33 14.12 -5.10
N GLU C 210 12.58 13.83 -5.47
CA GLU C 210 13.48 13.07 -4.63
C GLU C 210 14.31 13.97 -3.73
N LEU C 211 14.17 15.28 -3.86
CA LEU C 211 14.75 16.22 -2.90
C LEU C 211 13.73 16.65 -1.85
N ASN C 212 12.45 16.71 -2.23
CA ASN C 212 11.39 17.00 -1.28
C ASN C 212 11.26 15.92 -0.21
N LYS C 213 11.73 14.71 -0.50
CA LYS C 213 11.67 13.62 0.47
C LYS C 213 12.84 13.66 1.44
N ILE C 214 14.05 13.99 0.96
CA ILE C 214 15.23 13.90 1.80
C ILE C 214 15.47 15.15 2.63
N MET C 215 14.60 16.14 2.56
CA MET C 215 14.71 17.32 3.39
C MET C 215 13.69 17.22 4.53
N SER C 216 14.18 17.05 5.74
CA SER C 216 13.33 17.18 6.90
C SER C 216 13.07 18.65 7.17
N ASP C 217 11.85 18.97 7.58
CA ASP C 217 11.40 20.35 7.72
C ASP C 217 12.12 20.98 8.92
N ASN C 218 13.18 21.73 8.63
CA ASN C 218 13.97 22.35 9.68
C ASN C 218 14.17 23.83 9.40
N GLU C 219 15.03 24.48 10.18
CA GLU C 219 15.35 25.88 9.98
C GLU C 219 16.69 26.08 9.29
N GLU C 220 17.29 25.01 8.78
CA GLU C 220 18.57 25.10 8.09
C GLU C 220 18.35 25.58 6.66
N ASP C 221 19.45 25.66 5.90
CA ASP C 221 19.42 26.30 4.59
C ASP C 221 20.03 25.39 3.54
N ILE C 222 19.53 25.50 2.31
CA ILE C 222 20.04 24.76 1.17
C ILE C 222 20.86 25.73 0.34
N ASP C 223 22.18 25.66 0.46
CA ASP C 223 23.05 26.46 -0.38
C ASP C 223 23.07 25.83 -1.76
N ILE C 224 22.38 26.43 -2.72
CA ILE C 224 22.24 25.88 -4.05
C ILE C 224 23.34 26.44 -4.95
N PHE C 225 24.16 25.56 -5.48
CA PHE C 225 25.30 25.93 -6.32
C PHE C 225 25.04 25.44 -7.74
N PHE C 226 24.99 26.35 -8.69
CA PHE C 226 24.75 25.98 -10.08
C PHE C 226 26.04 25.86 -10.86
N ALA C 227 26.06 24.92 -11.80
CA ALA C 227 27.16 24.79 -12.75
C ALA C 227 26.60 24.80 -14.16
N SER C 228 27.43 24.45 -15.14
CA SER C 228 26.96 24.44 -16.52
C SER C 228 26.05 23.26 -16.80
N ASN C 229 26.19 22.17 -16.03
CA ASN C 229 25.39 20.99 -16.28
C ASN C 229 24.84 20.36 -15.00
N GLN C 230 25.36 20.73 -13.84
CA GLN C 230 24.95 20.12 -12.58
C GLN C 230 24.55 21.19 -11.59
N VAL C 231 23.81 20.80 -10.56
CA VAL C 231 23.37 21.70 -9.51
C VAL C 231 23.48 20.99 -8.17
N LEU C 232 24.11 21.65 -7.19
CA LEU C 232 24.39 21.08 -5.88
C LEU C 232 23.41 21.63 -4.87
N PHE C 233 22.56 20.76 -4.33
CA PHE C 233 21.64 21.15 -3.28
C PHE C 233 22.26 20.76 -1.93
N LYS C 234 23.16 21.62 -1.45
CA LYS C 234 23.90 21.29 -0.23
C LYS C 234 23.02 21.57 0.98
N VAL C 235 22.17 20.59 1.29
CA VAL C 235 21.43 20.61 2.54
C VAL C 235 22.40 20.23 3.67
N GLY C 236 21.99 20.49 4.92
CA GLY C 236 22.79 20.11 6.08
C GLY C 236 23.17 18.65 6.18
N ASN C 237 24.48 18.38 6.05
CA ASN C 237 25.11 17.05 6.06
C ASN C 237 24.61 16.13 4.95
N VAL C 238 24.07 16.68 3.87
CA VAL C 238 23.69 15.89 2.71
C VAL C 238 23.78 16.72 1.44
N ASN C 239 24.60 16.26 0.50
CA ASN C 239 24.64 16.91 -0.80
C ASN C 239 23.59 16.31 -1.72
N PHE C 240 23.33 17.00 -2.83
CA PHE C 240 22.38 16.48 -3.81
C PHE C 240 22.80 17.07 -5.17
N ILE C 241 23.58 16.33 -5.91
CA ILE C 241 23.91 16.72 -7.28
C ILE C 241 22.78 16.24 -8.17
N SER C 242 22.30 17.10 -9.06
CA SER C 242 21.37 16.65 -10.08
C SER C 242 21.70 17.36 -11.38
N ARG C 243 21.40 16.69 -12.49
CA ARG C 243 21.81 17.14 -13.80
C ARG C 243 20.81 18.14 -14.36
N LEU C 244 21.28 19.33 -14.73
CA LEU C 244 20.41 20.29 -15.39
C LEU C 244 20.08 19.83 -16.79
N LEU C 245 18.83 20.00 -17.20
CA LEU C 245 18.43 19.63 -18.54
C LEU C 245 18.90 20.67 -19.54
N GLU C 246 19.13 20.23 -20.76
CA GLU C 246 19.59 21.11 -21.81
C GLU C 246 18.41 21.68 -22.59
N GLY C 247 18.70 22.56 -23.52
CA GLY C 247 17.68 23.19 -24.32
C GLY C 247 17.11 24.43 -23.66
N HIS C 248 16.39 25.21 -24.47
CA HIS C 248 15.77 26.44 -24.00
C HIS C 248 14.36 26.14 -23.54
N TYR C 249 14.02 26.63 -22.34
CA TYR C 249 12.67 26.42 -21.81
C TYR C 249 11.70 27.35 -22.54
N PRO C 250 10.54 26.85 -22.97
CA PRO C 250 9.63 27.67 -23.77
C PRO C 250 8.98 28.77 -22.96
N ASP C 251 8.72 29.89 -23.63
CA ASP C 251 8.22 31.08 -22.95
C ASP C 251 6.76 30.87 -22.57
N THR C 252 6.47 30.88 -21.27
CA THR C 252 5.14 30.67 -20.74
C THR C 252 4.48 31.97 -20.29
N THR C 253 5.05 33.11 -20.66
CA THR C 253 4.42 34.38 -20.34
C THR C 253 3.32 34.75 -21.34
N ARG C 254 3.25 34.06 -22.48
CA ARG C 254 2.17 34.26 -23.43
C ARG C 254 0.91 33.51 -23.03
N LEU C 255 1.00 32.61 -22.05
CA LEU C 255 -0.14 31.87 -21.54
C LEU C 255 -0.86 32.58 -20.41
N PHE C 256 -0.61 33.87 -20.21
CA PHE C 256 -1.27 34.66 -19.18
C PHE C 256 -2.14 35.73 -19.82
N PRO C 257 -3.40 35.43 -20.15
CA PRO C 257 -4.29 36.48 -20.67
C PRO C 257 -4.93 37.24 -19.52
N GLU C 258 -5.63 38.32 -19.88
CA GLU C 258 -6.19 39.22 -18.90
C GLU C 258 -7.69 39.37 -19.11
N ASN C 259 -8.30 40.32 -18.39
CA ASN C 259 -9.73 40.63 -18.45
C ASN C 259 -10.59 39.41 -18.10
N TYR C 260 -10.51 39.06 -16.81
CA TYR C 260 -11.30 37.95 -16.27
C TYR C 260 -12.79 38.19 -16.44
N GLU C 261 -13.50 37.13 -16.80
CA GLU C 261 -14.95 37.23 -16.89
C GLU C 261 -15.60 37.02 -15.52
N ILE C 262 -15.34 35.88 -14.89
CA ILE C 262 -15.85 35.60 -13.56
C ILE C 262 -14.67 35.34 -12.64
N LYS C 263 -14.88 35.58 -11.34
CA LYS C 263 -13.82 35.47 -10.34
C LYS C 263 -14.43 34.89 -9.07
N LEU C 264 -14.16 33.61 -8.82
CA LEU C 264 -14.63 32.96 -7.61
C LEU C 264 -13.69 33.27 -6.45
N SER C 265 -14.20 33.06 -5.24
CA SER C 265 -13.37 33.05 -4.03
C SER C 265 -13.85 31.85 -3.22
N ILE C 266 -13.32 30.69 -3.53
CA ILE C 266 -13.89 29.43 -3.07
C ILE C 266 -12.95 28.81 -2.04
N ASP C 267 -13.51 27.98 -1.18
CA ASP C 267 -12.75 27.26 -0.16
C ASP C 267 -11.82 26.26 -0.81
N ASN C 268 -10.78 25.86 -0.08
CA ASN C 268 -9.84 24.90 -0.63
C ASN C 268 -10.23 23.47 -0.27
N GLY C 269 -10.64 23.23 0.98
CA GLY C 269 -11.05 21.89 1.36
C GLY C 269 -12.34 21.45 0.71
N GLU C 270 -13.34 22.33 0.67
CA GLU C 270 -14.61 22.01 0.04
C GLU C 270 -14.45 21.77 -1.45
N PHE C 271 -13.79 22.69 -2.15
CA PHE C 271 -13.60 22.55 -3.59
C PHE C 271 -12.49 21.58 -3.94
N TYR C 272 -11.76 21.06 -2.96
CA TYR C 272 -10.86 19.95 -3.25
C TYR C 272 -11.56 18.60 -3.10
N HIS C 273 -12.27 18.40 -1.99
CA HIS C 273 -13.00 17.15 -1.83
C HIS C 273 -14.19 17.06 -2.77
N ALA C 274 -14.70 18.18 -3.27
CA ALA C 274 -15.78 18.10 -4.24
C ALA C 274 -15.28 17.68 -5.61
N ILE C 275 -14.05 18.03 -5.96
CA ILE C 275 -13.45 17.44 -7.17
C ILE C 275 -13.12 15.99 -6.91
N ASP C 276 -12.74 15.65 -5.68
CA ASP C 276 -12.47 14.26 -5.33
C ASP C 276 -13.71 13.39 -5.43
N ARG C 277 -14.88 13.96 -5.12
CA ARG C 277 -16.13 13.22 -5.24
C ARG C 277 -16.65 13.22 -6.67
N ALA C 278 -16.58 14.37 -7.36
CA ALA C 278 -17.23 14.50 -8.67
C ALA C 278 -16.49 13.76 -9.77
N SER C 279 -15.25 13.36 -9.53
CA SER C 279 -14.49 12.60 -10.52
C SER C 279 -14.57 11.10 -10.29
N LEU C 280 -15.38 10.64 -9.33
CA LEU C 280 -15.48 9.21 -9.07
C LEU C 280 -16.17 8.49 -10.20
N LEU C 281 -17.20 9.09 -10.79
CA LEU C 281 -17.88 8.49 -11.94
C LEU C 281 -16.98 8.50 -13.16
N ALA C 282 -16.50 9.67 -13.53
CA ALA C 282 -15.56 9.78 -14.64
C ALA C 282 -14.13 9.69 -14.13
N ARG C 283 -13.80 8.56 -13.51
CA ARG C 283 -12.44 8.05 -13.58
C ARG C 283 -12.41 6.54 -13.75
N GLU C 284 -13.52 5.85 -13.55
CA GLU C 284 -13.58 4.43 -13.89
C GLU C 284 -13.68 4.21 -15.38
N GLY C 285 -14.12 5.21 -16.14
CA GLY C 285 -13.99 5.13 -17.58
C GLY C 285 -12.58 5.26 -18.09
N GLY C 286 -11.67 5.78 -17.26
CA GLY C 286 -10.29 5.95 -17.62
C GLY C 286 -9.93 7.41 -17.74
N ASN C 287 -10.80 8.20 -18.35
CA ASN C 287 -10.61 9.63 -18.42
C ASN C 287 -11.12 10.29 -17.15
N ASN C 288 -10.72 11.53 -16.93
CA ASN C 288 -11.18 12.30 -15.78
C ASN C 288 -11.47 13.74 -16.18
N VAL C 289 -12.71 13.99 -16.60
CA VAL C 289 -13.13 15.31 -17.06
C VAL C 289 -14.40 15.67 -16.31
N ILE C 290 -14.40 16.80 -15.63
CA ILE C 290 -15.53 17.29 -14.85
C ILE C 290 -16.04 18.58 -15.47
N LYS C 291 -17.33 18.62 -15.76
CA LYS C 291 -17.95 19.88 -16.15
C LYS C 291 -18.22 20.73 -14.92
N LEU C 292 -17.85 22.00 -14.99
CA LEU C 292 -18.18 22.97 -13.96
C LEU C 292 -19.28 23.88 -14.48
N SER C 293 -20.07 24.44 -13.57
CA SER C 293 -21.11 25.39 -13.96
C SER C 293 -21.25 26.41 -12.84
N THR C 294 -20.72 27.61 -13.08
CA THR C 294 -20.77 28.67 -12.09
C THR C 294 -22.17 29.27 -12.02
N GLY C 295 -22.68 29.45 -10.81
CA GLY C 295 -23.92 30.16 -10.62
C GLY C 295 -23.79 31.22 -9.54
N ASP C 296 -24.92 31.75 -9.09
CA ASP C 296 -24.90 32.74 -8.00
C ASP C 296 -24.60 32.02 -6.69
N ASP C 297 -23.39 32.25 -6.17
CA ASP C 297 -22.87 31.72 -4.90
C ASP C 297 -22.76 30.19 -4.91
N VAL C 298 -22.84 29.56 -6.07
CA VAL C 298 -22.73 28.11 -6.19
C VAL C 298 -21.74 27.78 -7.29
N VAL C 299 -21.15 26.59 -7.20
CA VAL C 299 -20.27 26.04 -8.23
C VAL C 299 -20.75 24.61 -8.46
N GLU C 300 -21.48 24.39 -9.55
CA GLU C 300 -22.19 23.13 -9.76
C GLU C 300 -21.28 22.16 -10.49
N LEU C 301 -20.45 21.48 -9.72
CA LEU C 301 -19.50 20.50 -10.26
C LEU C 301 -20.24 19.27 -10.73
N SER C 302 -20.39 19.12 -12.04
CA SER C 302 -21.18 18.05 -12.61
C SER C 302 -20.28 17.06 -13.32
N SER C 303 -20.80 15.85 -13.50
CA SER C 303 -20.20 14.85 -14.37
C SER C 303 -21.29 13.86 -14.73
N THR C 304 -21.00 13.03 -15.73
CA THR C 304 -21.96 12.01 -16.15
C THR C 304 -21.19 10.88 -16.81
N SER C 305 -21.87 9.74 -16.94
CA SER C 305 -21.31 8.57 -17.60
C SER C 305 -22.45 7.66 -17.99
N PRO C 306 -22.35 6.97 -19.13
CA PRO C 306 -23.31 5.91 -19.42
C PRO C 306 -23.13 4.75 -18.45
N GLU C 307 -24.26 4.12 -18.10
CA GLU C 307 -24.41 2.90 -17.29
C GLU C 307 -24.11 3.14 -15.81
N ILE C 308 -23.59 4.30 -15.43
CA ILE C 308 -23.32 4.63 -14.04
C ILE C 308 -24.23 5.73 -13.54
N GLY C 309 -24.18 6.90 -14.14
CA GLY C 309 -25.21 7.88 -13.86
C GLY C 309 -24.65 9.30 -13.83
N THR C 310 -24.99 10.02 -12.76
CA THR C 310 -24.83 11.47 -12.70
C THR C 310 -24.43 11.89 -11.30
N VAL C 311 -23.49 12.82 -11.20
CA VAL C 311 -23.08 13.44 -9.94
C VAL C 311 -23.18 14.94 -10.09
N LYS C 312 -23.67 15.63 -9.06
CA LYS C 312 -23.84 17.08 -9.13
C LYS C 312 -23.64 17.67 -7.73
N GLU C 313 -22.46 18.25 -7.48
CA GLU C 313 -22.20 18.93 -6.23
C GLU C 313 -22.67 20.37 -6.27
N GLU C 314 -22.43 21.07 -5.17
CA GLU C 314 -22.82 22.47 -5.04
C GLU C 314 -21.90 23.07 -3.99
N VAL C 315 -20.87 23.78 -4.42
CA VAL C 315 -19.86 24.31 -3.51
C VAL C 315 -20.10 25.79 -3.33
N ASP C 316 -20.01 26.25 -2.09
CA ASP C 316 -20.26 27.65 -1.77
C ASP C 316 -19.05 28.48 -2.17
N ALA C 317 -19.20 29.30 -3.21
CA ALA C 317 -18.20 30.27 -3.61
C ALA C 317 -18.50 31.59 -2.92
N ASN C 318 -17.57 32.06 -2.07
CA ASN C 318 -17.87 33.16 -1.17
C ASN C 318 -17.98 34.51 -1.88
N ASP C 319 -17.39 34.67 -3.05
CA ASP C 319 -17.48 35.93 -3.76
C ASP C 319 -17.32 35.63 -5.24
N VAL C 320 -18.38 35.82 -6.02
CA VAL C 320 -18.37 35.58 -7.45
C VAL C 320 -18.73 36.87 -8.17
N GLU C 321 -17.96 37.21 -9.20
CA GLU C 321 -18.21 38.35 -10.06
C GLU C 321 -18.56 37.86 -11.45
N GLY C 322 -18.95 38.79 -12.31
CA GLY C 322 -19.32 38.41 -13.67
C GLY C 322 -20.65 37.70 -13.72
N GLY C 323 -20.73 36.72 -14.62
CA GLY C 323 -21.96 35.95 -14.80
C GLY C 323 -21.80 34.47 -14.58
N SER C 324 -22.39 33.67 -15.46
CA SER C 324 -22.32 32.22 -15.39
C SER C 324 -21.44 31.70 -16.52
N LEU C 325 -20.82 30.55 -16.27
CA LEU C 325 -19.85 30.01 -17.22
C LEU C 325 -19.73 28.51 -17.02
N LYS C 326 -19.73 27.77 -18.12
CA LYS C 326 -19.72 26.30 -18.12
C LYS C 326 -18.40 25.83 -18.71
N ILE C 327 -17.41 25.61 -17.87
CA ILE C 327 -16.11 25.14 -18.31
C ILE C 327 -16.01 23.66 -17.99
N SER C 328 -15.17 22.96 -18.74
CA SER C 328 -15.04 21.50 -18.65
C SER C 328 -13.57 21.15 -18.53
N PHE C 329 -13.10 20.99 -17.30
CA PHE C 329 -11.68 20.86 -17.01
C PHE C 329 -11.32 19.42 -16.68
N ASN C 330 -10.07 19.21 -16.27
CA ASN C 330 -9.56 17.92 -15.86
C ASN C 330 -9.41 17.91 -14.34
N SER C 331 -9.82 16.81 -13.74
CA SER C 331 -9.94 16.76 -12.29
C SER C 331 -8.62 16.53 -11.59
N LYS C 332 -7.70 15.78 -12.21
CA LYS C 332 -6.38 15.63 -11.61
C LYS C 332 -5.61 16.93 -11.65
N TYR C 333 -5.77 17.70 -12.73
CA TYR C 333 -5.05 18.96 -12.86
C TYR C 333 -5.64 20.03 -11.94
N MET C 334 -6.87 19.83 -11.48
CA MET C 334 -7.47 20.71 -10.49
C MET C 334 -7.13 20.26 -9.07
N MET C 335 -7.10 18.95 -8.81
CA MET C 335 -6.76 18.48 -7.47
C MET C 335 -5.30 18.69 -7.16
N ASP C 336 -4.42 18.59 -8.16
CA ASP C 336 -3.01 18.91 -7.93
C ASP C 336 -2.83 20.40 -7.68
N ALA C 337 -3.57 21.24 -8.39
CA ALA C 337 -3.42 22.67 -8.24
C ALA C 337 -4.15 23.21 -7.01
N LEU C 338 -5.01 22.41 -6.39
CA LEU C 338 -5.59 22.78 -5.10
C LEU C 338 -4.85 22.16 -3.93
N LYS C 339 -4.13 21.07 -4.15
CA LYS C 339 -3.30 20.52 -3.09
C LYS C 339 -2.07 21.39 -2.87
N ALA C 340 -1.60 22.08 -3.92
CA ALA C 340 -0.42 22.91 -3.80
C ALA C 340 -0.66 24.20 -3.03
N ILE C 341 -1.91 24.65 -2.93
CA ILE C 341 -2.22 25.90 -2.24
C ILE C 341 -2.11 25.67 -0.74
N ASP C 342 -1.22 26.42 -0.08
CA ASP C 342 -1.13 26.37 1.37
C ASP C 342 -2.32 27.04 2.03
N ASN C 343 -2.92 28.03 1.36
CA ASN C 343 -4.05 28.74 1.92
C ASN C 343 -5.32 27.89 1.85
N ASP C 344 -6.29 28.28 2.67
CA ASP C 344 -7.59 27.64 2.70
C ASP C 344 -8.66 28.47 2.01
N GLU C 345 -8.27 29.39 1.14
CA GLU C 345 -9.25 30.13 0.34
C GLU C 345 -8.57 30.52 -0.97
N VAL C 346 -8.74 29.68 -1.98
CA VAL C 346 -8.16 29.99 -3.29
C VAL C 346 -9.08 31.00 -3.96
N GLU C 347 -8.60 31.63 -5.01
CA GLU C 347 -9.35 32.66 -5.72
C GLU C 347 -9.33 32.31 -7.20
N VAL C 348 -10.26 31.49 -7.62
CA VAL C 348 -10.30 31.05 -9.01
C VAL C 348 -10.83 32.21 -9.85
N GLU C 349 -10.18 32.46 -10.99
CA GLU C 349 -10.77 33.36 -11.97
C GLU C 349 -10.73 32.68 -13.32
N PHE C 350 -11.85 32.77 -14.05
CA PHE C 350 -12.01 32.08 -15.31
C PHE C 350 -11.94 33.07 -16.46
N PHE C 351 -11.31 32.67 -17.55
CA PHE C 351 -11.15 33.49 -18.73
C PHE C 351 -11.97 32.82 -19.82
N GLY C 352 -13.27 33.12 -19.87
CA GLY C 352 -14.12 32.54 -20.89
C GLY C 352 -14.28 31.03 -20.82
N THR C 353 -14.86 30.48 -21.88
CA THR C 353 -15.10 29.04 -21.91
C THR C 353 -14.01 28.25 -22.63
N MET C 354 -13.23 28.88 -23.53
CA MET C 354 -12.10 28.19 -24.18
C MET C 354 -10.86 29.07 -24.09
N LYS C 355 -10.23 29.05 -22.93
CA LYS C 355 -8.96 29.68 -22.57
C LYS C 355 -8.53 29.12 -21.22
N PRO C 356 -7.25 29.23 -20.86
CA PRO C 356 -6.83 28.81 -19.52
C PRO C 356 -7.43 29.70 -18.43
N PHE C 357 -7.40 29.18 -17.20
CA PHE C 357 -7.97 29.90 -16.07
C PHE C 357 -7.03 29.84 -14.87
N ILE C 358 -6.83 30.99 -14.23
CA ILE C 358 -5.93 31.12 -13.10
C ILE C 358 -6.54 30.44 -11.88
N LEU C 359 -5.71 29.74 -11.12
CA LEU C 359 -6.08 29.21 -9.81
C LEU C 359 -5.01 29.67 -8.82
N LYS C 360 -5.22 30.84 -8.24
CA LYS C 360 -4.28 31.47 -7.34
C LYS C 360 -4.90 31.65 -5.97
N PRO C 361 -4.11 31.66 -4.91
CA PRO C 361 -4.65 31.97 -3.59
C PRO C 361 -4.77 33.48 -3.39
N LYS C 362 -5.76 33.86 -2.59
CA LYS C 362 -5.95 35.27 -2.31
C LYS C 362 -5.06 35.67 -1.13
N GLY C 363 -4.53 36.89 -1.19
CA GLY C 363 -3.51 37.34 -0.28
C GLY C 363 -2.10 37.04 -0.72
N ASP C 364 -1.93 36.21 -1.75
CA ASP C 364 -0.61 35.88 -2.29
C ASP C 364 -0.64 36.12 -3.80
N ASP C 365 0.11 37.11 -4.25
CA ASP C 365 0.23 37.41 -5.67
C ASP C 365 1.40 36.69 -6.32
N SER C 366 2.03 35.76 -5.61
CA SER C 366 3.21 35.07 -6.12
C SER C 366 2.85 33.82 -6.91
N VAL C 367 2.23 32.86 -6.26
CA VAL C 367 1.91 31.57 -6.88
C VAL C 367 0.59 31.68 -7.64
N THR C 368 0.63 31.36 -8.93
CA THR C 368 -0.58 31.34 -9.77
C THR C 368 -0.54 30.05 -10.59
N GLN C 369 -1.24 29.02 -10.12
CA GLN C 369 -1.48 27.86 -10.96
C GLN C 369 -2.37 28.23 -12.13
N LEU C 370 -2.21 27.49 -13.21
CA LEU C 370 -2.99 27.73 -14.42
C LEU C 370 -3.27 26.39 -15.07
N ILE C 371 -4.52 26.21 -15.50
CA ILE C 371 -4.95 24.99 -16.14
C ILE C 371 -5.43 25.35 -17.54
N LEU C 372 -4.74 24.83 -18.56
CA LEU C 372 -5.20 25.00 -19.92
C LEU C 372 -6.50 24.23 -20.12
N PRO C 373 -7.38 24.68 -21.02
CA PRO C 373 -8.68 24.01 -21.14
C PRO C 373 -8.57 22.70 -21.89
N ILE C 374 -9.20 21.66 -21.33
CA ILE C 374 -9.28 20.36 -21.99
C ILE C 374 -10.77 20.17 -22.24
N ARG C 375 -11.47 21.27 -22.50
CA ARG C 375 -12.87 21.23 -22.83
C ARG C 375 -13.06 20.70 -24.26
N THR C 376 -14.32 20.47 -24.62
CA THR C 376 -14.64 19.87 -25.91
C THR C 376 -14.35 20.83 -27.05
N TYR C 377 -14.12 20.26 -28.23
CA TYR C 377 -13.73 21.03 -29.39
C TYR C 377 -14.76 20.89 -30.51
N LEU D 12 -8.86 -4.56 -22.26
CA LEU D 12 -7.85 -4.45 -21.21
C LEU D 12 -7.27 -3.04 -21.19
N SER D 13 -7.28 -2.38 -22.36
CA SER D 13 -6.79 -1.01 -22.43
C SER D 13 -7.70 -0.05 -21.69
N TYR D 14 -8.98 -0.40 -21.56
CA TYR D 14 -9.89 0.32 -20.67
C TYR D 14 -9.40 0.27 -19.23
N TYR D 15 -9.12 -0.92 -18.72
CA TYR D 15 -8.63 -1.04 -17.36
C TYR D 15 -7.18 -0.61 -17.23
N ARG D 16 -6.40 -0.66 -18.31
CA ARG D 16 -5.07 -0.07 -18.30
C ARG D 16 -5.14 1.44 -18.10
N GLY D 17 -6.03 2.11 -18.83
CA GLY D 17 -6.22 3.54 -18.63
C GLY D 17 -6.79 3.86 -17.27
N GLY D 18 -7.67 2.99 -16.75
CA GLY D 18 -8.19 3.19 -15.41
C GLY D 18 -7.12 3.07 -14.34
N HIS D 19 -6.22 2.10 -14.48
CA HIS D 19 -5.13 1.94 -13.51
C HIS D 19 -4.14 3.07 -13.60
N LYS D 20 -3.78 3.51 -14.81
CA LYS D 20 -2.81 4.59 -14.90
C LYS D 20 -3.41 5.92 -14.44
N ASP D 21 -4.71 6.12 -14.62
CA ASP D 21 -5.34 7.31 -14.07
C ASP D 21 -5.40 7.24 -12.55
N LEU D 22 -5.61 6.04 -12.00
CA LEU D 22 -5.59 5.94 -10.55
C LEU D 22 -4.19 6.02 -9.97
N GLU D 23 -3.18 5.67 -10.74
CA GLU D 23 -1.82 5.77 -10.21
C GLU D 23 -1.31 7.20 -10.30
N SER D 24 -1.63 7.91 -11.38
CA SER D 24 -1.25 9.31 -11.45
C SER D 24 -2.04 10.18 -10.49
N MET D 25 -3.17 9.69 -9.98
CA MET D 25 -3.84 10.32 -8.86
C MET D 25 -3.48 9.67 -7.54
N PHE D 26 -2.47 8.82 -7.51
CA PHE D 26 -1.83 8.38 -6.28
C PHE D 26 -0.50 9.06 -6.04
N GLU D 27 0.34 9.19 -7.07
CA GLU D 27 1.70 9.69 -6.92
C GLU D 27 1.77 11.18 -6.59
N LEU D 28 0.64 11.88 -6.52
CA LEU D 28 0.56 13.18 -5.89
C LEU D 28 -0.34 13.16 -4.66
N ALA D 29 -0.47 11.97 -4.04
CA ALA D 29 -1.12 11.76 -2.75
C ALA D 29 -2.59 12.16 -2.75
N LEU D 30 -3.26 12.02 -3.89
CA LEU D 30 -4.68 12.29 -3.97
C LEU D 30 -5.52 11.05 -3.71
N GLU D 31 -4.88 9.93 -3.36
CA GLU D 31 -5.54 8.65 -3.16
C GLU D 31 -4.71 7.84 -2.18
N TYR D 32 -5.37 7.12 -1.28
CA TYR D 32 -4.65 6.38 -0.25
C TYR D 32 -4.05 5.10 -0.83
N ILE D 33 -3.10 4.52 -0.10
CA ILE D 33 -2.26 3.48 -0.67
C ILE D 33 -2.98 2.13 -0.71
N GLU D 34 -3.93 1.87 0.20
CA GLU D 34 -4.59 0.56 0.24
C GLU D 34 -5.48 0.36 -0.97
N LYS D 35 -6.17 1.41 -1.41
CA LYS D 35 -7.00 1.33 -2.61
C LYS D 35 -6.17 1.06 -3.84
N LEU D 36 -5.04 1.75 -3.99
CA LEU D 36 -4.19 1.49 -5.13
C LEU D 36 -3.49 0.14 -5.01
N GLU D 37 -3.29 -0.37 -3.80
CA GLU D 37 -2.72 -1.70 -3.63
C GLU D 37 -3.67 -2.78 -4.13
N GLU D 38 -4.93 -2.76 -3.68
CA GLU D 38 -5.85 -3.78 -4.18
C GLU D 38 -6.20 -3.58 -5.64
N GLU D 39 -6.24 -2.34 -6.12
CA GLU D 39 -6.46 -2.10 -7.55
C GLU D 39 -5.25 -2.55 -8.37
N ASP D 40 -4.06 -2.46 -7.80
CA ASP D 40 -2.85 -2.89 -8.49
C ASP D 40 -2.79 -4.39 -8.57
N GLU D 41 -3.20 -5.08 -7.50
CA GLU D 41 -3.27 -6.54 -7.56
C GLU D 41 -4.34 -7.02 -8.54
N GLN D 42 -5.45 -6.26 -8.67
CA GLN D 42 -6.42 -6.57 -9.71
C GLN D 42 -5.82 -6.41 -11.11
N GLN D 43 -4.99 -5.38 -11.32
CA GLN D 43 -4.37 -5.23 -12.63
C GLN D 43 -3.34 -6.31 -12.91
N VAL D 44 -2.60 -6.75 -11.88
CA VAL D 44 -1.64 -7.82 -12.07
C VAL D 44 -2.35 -9.13 -12.40
N THR D 45 -3.52 -9.37 -11.78
CA THR D 45 -4.34 -10.51 -12.15
C THR D 45 -4.81 -10.43 -13.59
N ASP D 46 -5.23 -9.24 -14.03
CA ASP D 46 -5.66 -9.07 -15.42
C ASP D 46 -4.49 -9.24 -16.40
N TYR D 47 -3.29 -8.79 -16.03
CA TYR D 47 -2.12 -8.98 -16.89
C TYR D 47 -1.74 -10.45 -17.00
N GLU D 48 -1.85 -11.20 -15.90
CA GLU D 48 -1.50 -12.61 -15.95
C GLU D 48 -2.53 -13.41 -16.72
N ASN D 49 -3.82 -13.03 -16.64
CA ASN D 49 -4.82 -13.63 -17.50
C ASN D 49 -4.58 -13.30 -18.97
N ALA D 50 -4.16 -12.07 -19.27
CA ALA D 50 -3.87 -11.70 -20.66
C ALA D 50 -2.61 -12.38 -21.18
N MET D 51 -1.66 -12.69 -20.31
CA MET D 51 -0.46 -13.39 -20.76
C MET D 51 -0.67 -14.89 -20.89
N GLU D 52 -1.56 -15.49 -20.08
CA GLU D 52 -1.89 -16.89 -20.32
C GLU D 52 -2.87 -17.06 -21.47
N GLU D 53 -3.61 -16.01 -21.82
CA GLU D 53 -4.51 -16.10 -22.97
C GLU D 53 -3.75 -16.07 -24.29
N GLU D 54 -2.73 -15.21 -24.39
CA GLU D 54 -1.94 -15.10 -25.60
C GLU D 54 -1.03 -16.31 -25.80
#